data_6PZR
#
_entry.id   6PZR
#
_cell.length_a   75.883
_cell.length_b   97.364
_cell.length_c   97.642
_cell.angle_alpha   90.00
_cell.angle_beta   90.00
_cell.angle_gamma   90.00
#
_symmetry.space_group_name_H-M   'P 21 21 21'
#
loop_
_entity.id
_entity.type
_entity.pdbx_description
1 polymer 'Hdac6 protein'
2 non-polymer 'ZINC ION'
3 non-polymer 'POTASSIUM ION'
4 non-polymer Resminostat
5 non-polymer 1,2-ETHANEDIOL
6 non-polymer 'IODIDE ION'
7 water water
#
_entity_poly.entity_id   1
_entity_poly.type   'polypeptide(L)'
_entity_poly.pdbx_seq_one_letter_code
;SPITGLVYDQRMMLHHNMWDSHHPELPQRISRIFSRHEELRLLSRCHRIPARLATEEELALCHSSKHISIIKSSEHMKPR
DLNRLGDEYNSIFISNESYTCALLAAGSCFNSAQAILTGQVRNAVAIVRPPGHHAEKDTACGFCFFNTAALTARYAQSIT
RESLRVLIVDWDVHHGNGTQHIFEEDDSVLYISLHRYEDGAFFPNSEDANYDKVGLGKGRGYNVNIPWNGGKMGDPEYMA
AFHHLVMPIAREFAPELVLVSAGFDAARGDPLGGFQVTPEGYAHLTHQLMSLAAGRVLIILEGGYNLTSISESMSMCTSM
LLGDSPPSLDHLTPLKTSATVSINNVLRAHAPFWSSLR
;
_entity_poly.pdbx_strand_id   A,B
#
loop_
_chem_comp.id
_chem_comp.type
_chem_comp.name
_chem_comp.formula
EDO non-polymer 1,2-ETHANEDIOL 'C2 H6 O2'
IOD non-polymer 'IODIDE ION' 'I -1'
K non-polymer 'POTASSIUM ION' 'K 1'
P7D non-polymer Resminostat 'C16 H19 N3 O4 S'
ZN non-polymer 'ZINC ION' 'Zn 2'
#
# COMPACT_ATOMS: atom_id res chain seq x y z
N SER A 1 -5.33 -15.02 -30.59
CA SER A 1 -4.32 -15.46 -29.64
C SER A 1 -3.19 -14.44 -29.26
N PRO A 2 -3.05 -13.33 -29.98
CA PRO A 2 -2.28 -12.22 -29.42
C PRO A 2 -3.13 -11.44 -28.41
N ILE A 3 -2.52 -11.12 -27.28
CA ILE A 3 -3.19 -10.48 -26.16
C ILE A 3 -2.84 -9.00 -26.18
N THR A 4 -3.84 -8.16 -25.89
CA THR A 4 -3.68 -6.71 -25.73
C THR A 4 -3.79 -6.34 -24.26
N GLY A 5 -2.77 -5.67 -23.71
CA GLY A 5 -2.82 -5.27 -22.31
C GLY A 5 -3.54 -3.94 -22.11
N LEU A 6 -4.02 -3.73 -20.89
CA LEU A 6 -4.68 -2.46 -20.55
C LEU A 6 -4.42 -2.16 -19.09
N VAL A 7 -3.82 -1.02 -18.80
CA VAL A 7 -3.54 -0.64 -17.42
C VAL A 7 -4.37 0.62 -17.12
N TYR A 8 -5.05 0.59 -15.97
CA TYR A 8 -5.85 1.69 -15.43
C TYR A 8 -5.98 1.47 -13.94
N ASP A 9 -5.87 2.56 -13.19
CA ASP A 9 -5.98 2.54 -11.74
C ASP A 9 -6.65 3.82 -11.28
N GLN A 10 -7.67 3.65 -10.45
CA GLN A 10 -8.51 4.76 -10.00
C GLN A 10 -7.72 5.76 -9.17
N ARG A 11 -6.66 5.31 -8.50
CA ARG A 11 -5.92 6.17 -7.58
C ARG A 11 -5.20 7.31 -8.29
N MET A 12 -5.00 7.21 -9.60
CA MET A 12 -4.44 8.33 -10.35
C MET A 12 -5.39 9.53 -10.44
N MET A 13 -6.70 9.34 -10.13
CA MET A 13 -7.69 10.41 -10.08
C MET A 13 -7.52 11.33 -8.87
N LEU A 14 -6.69 10.95 -7.88
CA LEU A 14 -6.55 11.76 -6.68
C LEU A 14 -5.70 13.02 -6.87
N HIS A 15 -4.86 13.08 -7.90
CA HIS A 15 -4.15 14.30 -8.22
C HIS A 15 -5.17 15.35 -8.65
N HIS A 16 -5.13 16.53 -8.03
CA HIS A 16 -6.20 17.48 -8.32
C HIS A 16 -5.81 18.92 -7.98
N ASN A 17 -6.59 19.84 -8.56
CA ASN A 17 -6.42 21.30 -8.41
C ASN A 17 -7.42 21.79 -7.36
N MET A 18 -6.91 22.20 -6.19
CA MET A 18 -7.78 22.53 -5.07
C MET A 18 -8.34 23.96 -5.12
N TRP A 19 -7.87 24.81 -6.03
CA TRP A 19 -8.36 26.18 -6.12
C TRP A 19 -9.30 26.41 -7.29
N ASP A 20 -9.27 25.53 -8.30
CA ASP A 20 -10.07 25.65 -9.53
C ASP A 20 -10.47 24.22 -9.90
N SER A 21 -11.62 23.77 -9.40
CA SER A 21 -12.08 22.42 -9.68
C SER A 21 -12.36 22.21 -11.17
N HIS A 22 -12.44 23.30 -11.94
CA HIS A 22 -12.78 23.24 -13.35
C HIS A 22 -11.55 23.27 -14.25
N HIS A 23 -10.36 23.17 -13.68
CA HIS A 23 -9.15 23.16 -14.49
C HIS A 23 -9.23 21.99 -15.47
N PRO A 24 -8.82 22.19 -16.72
CA PRO A 24 -9.13 21.20 -17.76
C PRO A 24 -8.42 19.86 -17.60
N GLU A 25 -7.31 19.77 -16.87
CA GLU A 25 -6.64 18.49 -16.67
C GLU A 25 -7.30 17.81 -15.48
N LEU A 26 -8.46 17.09 -15.78
CA LEU A 26 -9.48 16.66 -14.82
C LEU A 26 -9.31 15.22 -14.41
N PRO A 27 -9.44 14.93 -13.12
CA PRO A 27 -9.40 13.54 -12.65
C PRO A 27 -10.22 12.59 -13.51
N GLN A 28 -11.41 13.00 -13.92
CA GLN A 28 -12.30 12.13 -14.69
C GLN A 28 -11.89 12.01 -16.16
N ARG A 29 -10.74 12.54 -16.57
CA ARG A 29 -10.22 12.22 -17.90
C ARG A 29 -9.94 10.73 -18.04
N ILE A 30 -9.36 10.12 -16.99
CA ILE A 30 -9.04 8.70 -17.11
C ILE A 30 -10.28 7.85 -16.86
N SER A 31 -11.20 8.30 -15.99
CA SER A 31 -12.37 7.49 -15.71
C SER A 31 -13.37 7.54 -16.85
N ARG A 32 -13.37 8.61 -17.63
CA ARG A 32 -14.25 8.69 -18.78
C ARG A 32 -13.77 7.77 -19.89
N ILE A 33 -12.46 7.79 -20.16
CA ILE A 33 -11.88 6.90 -21.18
C ILE A 33 -12.17 5.44 -20.82
N PHE A 34 -11.89 5.07 -19.55
CA PHE A 34 -12.08 3.69 -19.11
C PHE A 34 -13.54 3.27 -19.20
N SER A 35 -14.45 4.12 -18.71
CA SER A 35 -15.89 3.83 -18.81
C SER A 35 -16.31 3.63 -20.26
N ARG A 36 -15.78 4.42 -21.20
CA ARG A 36 -16.12 4.22 -22.61
C ARG A 36 -15.66 2.86 -23.12
N HIS A 37 -14.58 2.32 -22.55
CA HIS A 37 -14.14 0.97 -22.92
C HIS A 37 -15.12 -0.10 -22.43
N GLU A 38 -15.82 0.12 -21.30
CA GLU A 38 -16.83 -0.84 -20.83
C GLU A 38 -18.03 -0.88 -21.76
N GLU A 39 -18.53 0.32 -22.15
CA GLU A 39 -19.69 0.46 -23.02
C GLU A 39 -19.48 -0.24 -24.37
N LEU A 40 -18.29 -0.15 -24.95
CA LEU A 40 -18.03 -0.82 -26.20
C LEU A 40 -17.59 -2.25 -25.98
N ARG A 41 -17.52 -2.68 -24.72
CA ARG A 41 -17.10 -4.04 -24.35
C ARG A 41 -15.75 -4.39 -24.97
N LEU A 42 -14.83 -3.43 -24.95
CA LEU A 42 -13.44 -3.72 -25.24
C LEU A 42 -12.68 -4.16 -24.00
N LEU A 43 -13.18 -3.78 -22.82
CA LEU A 43 -12.47 -4.06 -21.58
C LEU A 43 -12.21 -5.55 -21.43
N SER A 44 -13.25 -6.38 -21.59
CA SER A 44 -13.12 -7.83 -21.43
C SER A 44 -12.33 -8.49 -22.54
N ARG A 45 -11.91 -7.74 -23.57
CA ARG A 45 -11.11 -8.31 -24.62
C ARG A 45 -9.61 -8.13 -24.39
N CYS A 46 -9.25 -7.37 -23.35
CA CYS A 46 -7.87 -7.06 -22.99
C CYS A 46 -7.47 -7.80 -21.73
N HIS A 47 -6.17 -7.98 -21.56
CA HIS A 47 -5.66 -8.49 -20.30
C HIS A 47 -5.33 -7.32 -19.38
N ARG A 48 -5.73 -7.47 -18.12
CA ARG A 48 -5.49 -6.43 -17.13
C ARG A 48 -4.03 -6.48 -16.65
N ILE A 49 -3.29 -5.40 -16.89
CA ILE A 49 -1.94 -5.24 -16.36
C ILE A 49 -2.00 -4.34 -15.13
N PRO A 50 -1.46 -4.77 -13.99
CA PRO A 50 -1.57 -3.94 -12.77
C PRO A 50 -0.62 -2.76 -12.83
N ALA A 51 -1.01 -1.70 -12.12
CA ALA A 51 -0.19 -0.52 -11.94
C ALA A 51 0.70 -0.68 -10.71
N ARG A 52 1.81 0.03 -10.70
CA ARG A 52 2.67 0.12 -9.52
C ARG A 52 3.30 1.50 -9.52
N LEU A 53 3.91 1.85 -8.38
CA LEU A 53 4.71 3.06 -8.30
C LEU A 53 6.10 2.84 -8.90
N ALA A 54 6.62 3.87 -9.56
CA ALA A 54 8.01 3.85 -9.97
C ALA A 54 8.92 3.99 -8.75
N THR A 55 10.10 3.40 -8.84
CA THR A 55 11.08 3.66 -7.80
C THR A 55 11.77 5.00 -8.05
N GLU A 56 12.38 5.55 -7.00
CA GLU A 56 13.23 6.72 -7.20
C GLU A 56 14.48 6.37 -8.01
N GLU A 57 14.98 5.13 -7.90
CA GLU A 57 16.05 4.69 -8.77
C GLU A 57 15.62 4.76 -10.24
N GLU A 58 14.42 4.27 -10.55
CA GLU A 58 13.93 4.34 -11.92
C GLU A 58 13.79 5.79 -12.39
N LEU A 59 13.33 6.68 -11.50
CA LEU A 59 13.13 8.08 -11.88
C LEU A 59 14.44 8.73 -12.25
N ALA A 60 15.53 8.27 -11.65
CA ALA A 60 16.85 8.80 -11.95
C ALA A 60 17.35 8.41 -13.32
N LEU A 61 16.64 7.52 -14.02
CA LEU A 61 17.02 7.24 -15.40
C LEU A 61 16.93 8.49 -16.29
N CYS A 62 16.05 9.45 -15.98
CA CYS A 62 15.99 10.69 -16.76
C CYS A 62 15.94 11.97 -15.95
N HIS A 63 15.70 11.93 -14.65
CA HIS A 63 15.46 13.16 -13.90
C HIS A 63 16.52 13.32 -12.81
N SER A 64 16.92 14.56 -12.59
CA SER A 64 17.91 14.86 -11.55
C SER A 64 17.37 14.50 -10.17
N SER A 65 18.28 14.31 -9.23
CA SER A 65 17.85 13.99 -7.88
C SER A 65 17.25 15.20 -7.19
N LYS A 66 17.69 16.41 -7.57
CA LYS A 66 17.08 17.61 -7.02
C LYS A 66 15.61 17.71 -7.43
N HIS A 67 15.29 17.42 -8.69
CA HIS A 67 13.91 17.52 -9.15
C HIS A 67 13.03 16.44 -8.51
N ILE A 68 13.59 15.25 -8.29
CA ILE A 68 12.84 14.19 -7.60
C ILE A 68 12.55 14.60 -6.17
N SER A 69 13.52 15.22 -5.50
CA SER A 69 13.38 15.54 -4.09
C SER A 69 12.36 16.66 -3.84
N ILE A 70 12.25 17.61 -4.76
CA ILE A 70 11.31 18.71 -4.55
C ILE A 70 9.88 18.24 -4.76
N ILE A 71 9.60 17.53 -5.87
CA ILE A 71 8.27 16.98 -6.08
C ILE A 71 7.88 16.07 -4.93
N LYS A 72 8.82 15.23 -4.48
CA LYS A 72 8.53 14.30 -3.41
C LYS A 72 8.14 15.02 -2.13
N SER A 73 8.83 16.12 -1.80
CA SER A 73 8.50 16.85 -0.58
C SER A 73 7.11 17.44 -0.60
N SER A 74 6.52 17.62 -1.79
CA SER A 74 5.22 18.28 -1.84
C SER A 74 4.11 17.41 -1.29
N GLU A 75 4.36 16.12 -1.04
CA GLU A 75 3.34 15.24 -0.47
C GLU A 75 2.94 15.66 0.94
N HIS A 76 3.77 16.45 1.63
CA HIS A 76 3.49 16.86 3.01
C HIS A 76 3.42 18.37 3.17
N MET A 77 3.25 19.12 2.07
CA MET A 77 3.21 20.57 2.13
C MET A 77 1.81 21.09 2.49
N LYS A 78 1.78 22.19 3.24
CA LYS A 78 0.54 22.91 3.49
C LYS A 78 0.04 23.55 2.20
N PRO A 79 -1.27 23.82 2.11
CA PRO A 79 -1.83 24.40 0.88
C PRO A 79 -1.10 25.63 0.37
N ARG A 80 -0.76 26.60 1.24
CA ARG A 80 -0.07 27.81 0.80
C ARG A 80 1.28 27.49 0.14
N ASP A 81 1.99 26.49 0.68
CA ASP A 81 3.24 26.03 0.08
C ASP A 81 3.00 25.28 -1.23
N LEU A 82 1.99 24.40 -1.28
CA LEU A 82 1.60 23.74 -2.53
C LEU A 82 1.37 24.76 -3.65
N ASN A 83 0.70 25.89 -3.32
CA ASN A 83 0.41 26.92 -4.32
C ASN A 83 1.68 27.66 -4.73
N ARG A 84 2.49 28.09 -3.75
CA ARG A 84 3.71 28.80 -4.09
C ARG A 84 4.67 27.90 -4.88
N LEU A 85 4.78 26.63 -4.46
CA LEU A 85 5.65 25.72 -5.21
C LEU A 85 5.11 25.49 -6.62
N GLY A 86 3.78 25.37 -6.76
CA GLY A 86 3.21 25.21 -8.08
C GLY A 86 3.46 26.39 -9.01
N ASP A 87 3.45 27.61 -8.45
CA ASP A 87 3.64 28.80 -9.25
C ASP A 87 5.09 29.01 -9.70
N GLU A 88 6.06 28.34 -9.07
CA GLU A 88 7.45 28.41 -9.48
C GLU A 88 7.70 27.71 -10.82
N TYR A 89 6.72 26.98 -11.35
CA TYR A 89 6.84 26.31 -12.63
C TYR A 89 5.91 26.96 -13.65
N ASN A 90 6.14 26.61 -14.91
CA ASN A 90 5.27 27.02 -16.01
C ASN A 90 4.07 26.08 -16.06
N SER A 91 2.92 26.55 -15.59
CA SER A 91 1.64 25.85 -15.67
C SER A 91 1.66 24.51 -14.93
N ILE A 92 1.62 24.58 -13.60
CA ILE A 92 1.58 23.41 -12.73
C ILE A 92 0.70 23.71 -11.52
N PHE A 93 -0.28 22.83 -11.25
CA PHE A 93 -0.97 22.78 -9.96
C PHE A 93 -0.58 21.51 -9.24
N ILE A 94 -0.64 21.54 -7.90
CA ILE A 94 -0.13 20.44 -7.07
C ILE A 94 -1.02 20.27 -5.84
N SER A 95 -1.39 19.02 -5.56
CA SER A 95 -2.02 18.61 -4.32
C SER A 95 -1.14 17.56 -3.64
N ASN A 96 -1.54 17.12 -2.45
CA ASN A 96 -0.69 16.21 -1.67
C ASN A 96 -0.53 14.84 -2.34
N GLU A 97 -1.47 14.45 -3.19
CA GLU A 97 -1.47 13.15 -3.85
C GLU A 97 -0.76 13.18 -5.19
N SER A 98 -0.39 14.38 -5.65
CA SER A 98 0.21 14.54 -6.97
C SER A 98 1.43 13.63 -7.16
N TYR A 99 2.31 13.61 -6.16
CA TYR A 99 3.54 12.81 -6.24
C TYR A 99 3.21 11.35 -6.52
N THR A 100 2.32 10.77 -5.73
CA THR A 100 1.98 9.38 -5.90
C THR A 100 1.39 9.09 -7.28
N CYS A 101 0.55 10.00 -7.79
CA CYS A 101 -0.08 9.77 -9.08
C CYS A 101 0.93 9.82 -10.21
N ALA A 102 1.94 10.70 -10.10
CA ALA A 102 3.01 10.70 -11.10
C ALA A 102 3.86 9.43 -10.99
N LEU A 103 4.06 8.91 -9.77
CA LEU A 103 4.71 7.60 -9.61
C LEU A 103 3.87 6.49 -10.23
N LEU A 104 2.53 6.57 -10.08
CA LEU A 104 1.64 5.50 -10.55
C LEU A 104 1.58 5.43 -12.08
N ALA A 105 1.66 6.57 -12.77
CA ALA A 105 1.54 6.54 -14.23
C ALA A 105 2.82 6.05 -14.90
N ALA A 106 3.97 6.34 -14.32
CA ALA A 106 5.21 5.78 -14.85
C ALA A 106 5.31 4.30 -14.54
N GLY A 107 4.98 3.90 -13.32
CA GLY A 107 5.05 2.49 -12.98
C GLY A 107 4.05 1.63 -13.73
N SER A 108 2.88 2.19 -14.06
CA SER A 108 1.95 1.48 -14.92
C SER A 108 2.56 1.19 -16.29
N CYS A 109 3.35 2.15 -16.81
CA CYS A 109 3.96 1.99 -18.13
C CYS A 109 5.18 1.07 -18.08
N PHE A 110 5.97 1.08 -17.00
CA PHE A 110 7.05 0.12 -16.91
C PHE A 110 6.50 -1.30 -16.95
N ASN A 111 5.44 -1.56 -16.18
CA ASN A 111 4.81 -2.88 -16.20
C ASN A 111 4.28 -3.21 -17.59
N SER A 112 3.70 -2.21 -18.27
CA SER A 112 3.17 -2.46 -19.62
C SER A 112 4.29 -2.79 -20.59
N ALA A 113 5.38 -2.04 -20.53
CA ALA A 113 6.53 -2.33 -21.40
C ALA A 113 7.11 -3.70 -21.07
N GLN A 114 7.14 -4.08 -19.79
CA GLN A 114 7.69 -5.38 -19.42
C GLN A 114 6.85 -6.53 -19.98
N ALA A 115 5.51 -6.43 -19.86
CA ALA A 115 4.64 -7.45 -20.43
C ALA A 115 4.86 -7.62 -21.94
N ILE A 116 5.10 -6.53 -22.66
CA ILE A 116 5.35 -6.61 -24.09
C ILE A 116 6.68 -7.33 -24.37
N LEU A 117 7.74 -6.92 -23.67
CA LEU A 117 9.07 -7.36 -24.05
C LEU A 117 9.42 -8.74 -23.48
N THR A 118 8.56 -9.32 -22.63
CA THR A 118 8.60 -10.74 -22.33
C THR A 118 7.65 -11.56 -23.19
N GLY A 119 6.90 -10.92 -24.09
CA GLY A 119 5.94 -11.64 -24.89
C GLY A 119 4.70 -12.10 -24.15
N GLN A 120 4.36 -11.45 -23.04
CA GLN A 120 3.13 -11.80 -22.34
C GLN A 120 1.90 -11.18 -23.01
N VAL A 121 2.04 -9.97 -23.58
CA VAL A 121 1.03 -9.36 -24.44
C VAL A 121 1.73 -8.93 -25.72
N ARG A 122 0.94 -8.73 -26.77
CA ARG A 122 1.52 -8.24 -28.01
C ARG A 122 1.65 -6.73 -27.98
N ASN A 123 0.63 -6.03 -27.48
CA ASN A 123 0.62 -4.58 -27.43
C ASN A 123 -0.16 -4.16 -26.19
N ALA A 124 -0.31 -2.84 -26.00
CA ALA A 124 -0.86 -2.36 -24.74
C ALA A 124 -1.29 -0.90 -24.81
N VAL A 125 -2.24 -0.56 -23.94
CA VAL A 125 -2.75 0.80 -23.82
C VAL A 125 -2.67 1.20 -22.36
N ALA A 126 -2.25 2.44 -22.09
CA ALA A 126 -2.02 2.90 -20.72
C ALA A 126 -2.85 4.16 -20.43
N ILE A 127 -3.91 3.98 -19.66
CA ILE A 127 -4.86 5.07 -19.32
C ILE A 127 -4.37 5.71 -18.04
N VAL A 128 -3.54 6.76 -18.17
CA VAL A 128 -2.82 7.33 -17.04
C VAL A 128 -2.90 8.88 -17.03
N ARG A 129 -2.68 9.43 -15.84
CA ARG A 129 -2.55 10.86 -15.62
C ARG A 129 -1.81 11.04 -14.29
N PRO A 130 -1.15 12.20 -14.07
CA PRO A 130 -0.93 13.36 -14.96
C PRO A 130 -0.01 12.97 -16.11
N PRO A 131 0.00 13.76 -17.17
CA PRO A 131 0.77 13.40 -18.37
C PRO A 131 2.25 13.67 -18.14
N GLY A 132 3.07 13.34 -19.13
CA GLY A 132 4.49 13.42 -18.93
C GLY A 132 5.36 14.20 -19.92
N HIS A 133 4.88 14.46 -21.14
CA HIS A 133 5.86 14.75 -22.19
C HIS A 133 6.48 16.15 -22.11
N HIS A 134 5.94 17.07 -21.32
CA HIS A 134 6.63 18.34 -21.15
C HIS A 134 7.69 18.32 -20.04
N ALA A 135 7.77 17.27 -19.25
CA ALA A 135 8.67 17.30 -18.09
C ALA A 135 10.11 17.21 -18.56
N GLU A 136 10.95 18.08 -18.02
CA GLU A 136 12.37 18.09 -18.31
C GLU A 136 13.12 17.25 -17.28
N LYS A 137 14.43 17.05 -17.55
CA LYS A 137 15.29 16.40 -16.58
C LYS A 137 15.25 17.13 -15.24
N ASP A 138 15.28 18.47 -15.29
CA ASP A 138 15.48 19.28 -14.11
C ASP A 138 14.21 19.95 -13.59
N THR A 139 13.08 19.84 -14.30
CA THR A 139 11.95 20.67 -13.89
C THR A 139 10.61 20.16 -14.44
N ALA A 140 9.52 20.61 -13.82
CA ALA A 140 8.18 20.28 -14.27
C ALA A 140 7.66 21.35 -15.23
N CYS A 141 6.71 20.95 -16.07
CA CYS A 141 6.16 21.86 -17.08
C CYS A 141 4.77 21.38 -17.50
N GLY A 142 3.88 22.34 -17.74
CA GLY A 142 2.65 22.11 -18.47
C GLY A 142 1.83 20.89 -18.09
N PHE A 143 1.43 20.81 -16.83
CA PHE A 143 0.68 19.73 -16.19
C PHE A 143 1.50 18.43 -16.03
N CYS A 144 2.79 18.40 -16.38
CA CYS A 144 3.59 17.17 -16.34
C CYS A 144 4.63 17.25 -15.22
N PHE A 145 4.78 16.15 -14.48
CA PHE A 145 5.77 16.07 -13.41
C PHE A 145 7.00 15.22 -13.78
N PHE A 146 6.81 14.00 -14.27
CA PHE A 146 7.92 13.15 -14.69
C PHE A 146 7.64 12.67 -16.11
N ASN A 147 8.69 12.54 -16.91
CA ASN A 147 8.50 12.26 -18.32
C ASN A 147 8.22 10.78 -18.49
N THR A 148 6.94 10.41 -18.41
CA THR A 148 6.54 9.02 -18.36
C THR A 148 7.07 8.24 -19.57
N ALA A 149 6.91 8.79 -20.77
CA ALA A 149 7.32 8.03 -21.97
C ALA A 149 8.84 7.96 -22.11
N ALA A 150 9.57 9.01 -21.68
CA ALA A 150 11.02 8.91 -21.68
C ALA A 150 11.49 7.91 -20.65
N LEU A 151 10.93 7.96 -19.42
CA LEU A 151 11.29 6.97 -18.41
C LEU A 151 11.01 5.56 -18.90
N THR A 152 9.93 5.40 -19.67
CA THR A 152 9.53 4.09 -20.17
C THR A 152 10.53 3.54 -21.17
N ALA A 153 11.13 4.41 -21.98
CA ALA A 153 12.12 3.97 -22.96
C ALA A 153 13.42 3.53 -22.27
N ARG A 154 13.88 4.29 -21.27
CA ARG A 154 15.06 3.88 -20.51
C ARG A 154 14.80 2.62 -19.69
N TYR A 155 13.61 2.49 -19.09
CA TYR A 155 13.31 1.27 -18.36
C TYR A 155 13.36 0.07 -19.30
N ALA A 156 12.82 0.21 -20.50
CA ALA A 156 12.85 -0.86 -21.49
C ALA A 156 14.28 -1.23 -21.85
N GLN A 157 15.12 -0.22 -22.05
CA GLN A 157 16.53 -0.50 -22.29
C GLN A 157 17.15 -1.23 -21.11
N SER A 158 16.68 -0.95 -19.89
CA SER A 158 17.33 -1.50 -18.71
C SER A 158 17.03 -2.98 -18.53
N ILE A 159 15.91 -3.47 -19.08
CA ILE A 159 15.55 -4.89 -18.97
C ILE A 159 15.81 -5.64 -20.28
N THR A 160 16.50 -5.03 -21.25
CA THR A 160 16.88 -5.77 -22.45
C THR A 160 18.38 -5.57 -22.72
N ARG A 161 18.74 -4.71 -23.67
CA ARG A 161 20.08 -4.14 -23.71
C ARG A 161 19.98 -2.62 -23.79
N GLU A 162 21.09 -1.97 -23.45
CA GLU A 162 21.14 -0.51 -23.37
C GLU A 162 20.83 0.14 -24.72
N SER A 163 21.20 -0.48 -25.84
CA SER A 163 21.05 0.13 -27.16
C SER A 163 19.78 -0.30 -27.86
N LEU A 164 18.84 -0.91 -27.14
CA LEU A 164 17.55 -1.26 -27.72
C LEU A 164 16.93 -0.03 -28.38
N ARG A 165 16.46 -0.22 -29.61
CA ARG A 165 15.99 0.90 -30.42
C ARG A 165 14.51 1.15 -30.14
N VAL A 166 14.22 2.33 -29.60
CA VAL A 166 12.88 2.71 -29.19
C VAL A 166 12.46 3.87 -30.06
N LEU A 167 11.35 3.72 -30.78
CA LEU A 167 10.74 4.83 -31.49
C LEU A 167 9.69 5.45 -30.58
N ILE A 168 9.75 6.76 -30.41
CA ILE A 168 8.70 7.52 -29.71
C ILE A 168 7.97 8.38 -30.73
N VAL A 169 6.68 8.09 -30.94
CA VAL A 169 5.81 8.89 -31.79
C VAL A 169 4.93 9.71 -30.85
N ASP A 170 4.95 11.02 -31.02
CA ASP A 170 4.25 11.95 -30.14
C ASP A 170 3.21 12.72 -30.96
N TRP A 171 1.95 12.29 -30.90
CA TRP A 171 0.92 12.95 -31.67
C TRP A 171 0.02 13.86 -30.83
N ASP A 172 0.34 14.07 -29.55
CA ASP A 172 -0.25 15.17 -28.81
C ASP A 172 -0.12 16.47 -29.60
N VAL A 173 -1.07 17.41 -29.43
CA VAL A 173 -1.04 18.61 -30.28
C VAL A 173 0.15 19.53 -29.95
N HIS A 174 0.68 19.46 -28.74
CA HIS A 174 1.80 20.29 -28.35
C HIS A 174 3.11 19.53 -28.54
N HIS A 175 4.18 20.27 -28.77
CA HIS A 175 5.51 19.71 -28.83
C HIS A 175 5.91 19.11 -27.49
N GLY A 176 6.56 17.95 -27.53
CA GLY A 176 7.09 17.36 -26.31
C GLY A 176 8.50 17.86 -26.03
N ASN A 177 8.64 19.04 -25.43
CA ASN A 177 9.97 19.63 -25.29
C ASN A 177 10.85 18.78 -24.39
N GLY A 178 10.31 18.28 -23.28
CA GLY A 178 11.11 17.49 -22.36
C GLY A 178 11.64 16.22 -23.00
N THR A 179 10.82 15.58 -23.84
CA THR A 179 11.24 14.33 -24.47
C THR A 179 12.31 14.58 -25.52
N GLN A 180 12.11 15.59 -26.39
CA GLN A 180 13.15 15.93 -27.36
C GLN A 180 14.48 16.17 -26.66
N HIS A 181 14.46 16.96 -25.59
CA HIS A 181 15.68 17.31 -24.88
C HIS A 181 16.37 16.07 -24.31
N ILE A 182 15.60 15.18 -23.67
CA ILE A 182 16.17 14.01 -22.99
C ILE A 182 16.95 13.11 -23.95
N PHE A 183 16.58 13.08 -25.24
CA PHE A 183 17.21 12.15 -26.17
C PHE A 183 17.90 12.86 -27.33
N GLU A 184 18.12 14.17 -27.22
CA GLU A 184 18.61 14.95 -28.36
C GLU A 184 19.99 14.50 -28.82
N GLU A 185 20.81 13.98 -27.91
CA GLU A 185 22.14 13.47 -28.23
C GLU A 185 22.14 11.94 -28.36
N ASP A 186 20.97 11.33 -28.50
CA ASP A 186 20.83 9.87 -28.44
C ASP A 186 20.41 9.33 -29.80
N ASP A 187 21.16 8.35 -30.30
CA ASP A 187 20.81 7.67 -31.54
C ASP A 187 20.03 6.39 -31.32
N SER A 188 19.92 5.93 -30.06
CA SER A 188 19.17 4.72 -29.74
C SER A 188 17.66 4.94 -29.62
N VAL A 189 17.21 6.20 -29.47
CA VAL A 189 15.79 6.51 -29.30
C VAL A 189 15.40 7.54 -30.36
N LEU A 190 14.46 7.18 -31.23
CA LEU A 190 14.00 8.05 -32.31
C LEU A 190 12.75 8.83 -31.87
N TYR A 191 12.86 10.16 -31.84
CA TYR A 191 11.74 11.01 -31.43
C TYR A 191 11.09 11.66 -32.65
N ILE A 192 9.81 11.35 -32.88
CA ILE A 192 9.06 11.94 -33.97
C ILE A 192 7.83 12.60 -33.39
N SER A 193 7.70 13.92 -33.61
CA SER A 193 6.59 14.68 -33.06
C SER A 193 5.82 15.40 -34.17
N LEU A 194 4.49 15.35 -34.07
CA LEU A 194 3.58 16.22 -34.80
C LEU A 194 3.00 17.20 -33.80
N HIS A 195 2.90 18.48 -34.18
CA HIS A 195 2.50 19.49 -33.21
C HIS A 195 2.18 20.82 -33.90
N ARG A 196 1.15 21.49 -33.39
CA ARG A 196 0.87 22.87 -33.78
C ARG A 196 1.99 23.79 -33.28
N TYR A 197 2.48 24.67 -34.16
CA TYR A 197 3.67 25.48 -33.88
C TYR A 197 3.41 26.97 -34.01
N GLU A 198 2.91 27.43 -35.16
CA GLU A 198 2.63 28.85 -35.41
C GLU A 198 3.88 29.69 -35.15
N ASP A 199 4.96 29.32 -35.83
CA ASP A 199 6.22 30.07 -35.78
C ASP A 199 6.65 30.35 -34.33
N GLY A 200 6.47 29.36 -33.46
CA GLY A 200 6.89 29.47 -32.08
C GLY A 200 5.88 30.05 -31.12
N ALA A 201 4.65 30.36 -31.58
CA ALA A 201 3.66 31.05 -30.75
C ALA A 201 2.75 30.12 -29.93
N PHE A 202 2.49 28.91 -30.42
CA PHE A 202 1.69 27.94 -29.67
C PHE A 202 2.51 27.35 -28.52
N PHE A 203 1.82 26.94 -27.45
CA PHE A 203 2.48 26.29 -26.33
C PHE A 203 3.22 25.04 -26.79
N PRO A 204 4.45 24.79 -26.30
CA PRO A 204 5.16 25.53 -25.24
C PRO A 204 6.07 26.69 -25.70
N ASN A 205 5.71 27.38 -26.79
CA ASN A 205 6.26 28.70 -27.13
C ASN A 205 7.76 28.71 -27.40
N SER A 206 8.35 27.63 -27.90
CA SER A 206 9.77 27.62 -28.15
C SER A 206 10.10 27.21 -29.58
N GLU A 207 11.16 27.79 -30.11
CA GLU A 207 11.58 27.45 -31.45
C GLU A 207 12.39 26.16 -31.48
N ASP A 208 12.59 25.53 -30.32
CA ASP A 208 13.04 24.14 -30.31
C ASP A 208 12.12 23.24 -31.13
N ALA A 209 10.89 23.67 -31.41
CA ALA A 209 9.90 22.79 -32.02
C ALA A 209 9.86 22.90 -33.54
N ASN A 210 10.80 23.61 -34.15
CA ASN A 210 10.80 23.76 -35.60
C ASN A 210 11.47 22.57 -36.28
N TYR A 211 11.23 22.46 -37.59
CA TYR A 211 11.71 21.32 -38.38
C TYR A 211 13.24 21.27 -38.48
N ASP A 212 13.95 22.37 -38.23
CA ASP A 212 15.40 22.34 -38.40
C ASP A 212 16.14 21.78 -37.19
N LYS A 213 15.44 21.39 -36.13
CA LYS A 213 16.13 20.78 -34.99
C LYS A 213 16.16 19.28 -35.26
N VAL A 214 17.29 18.77 -35.71
CA VAL A 214 17.40 17.38 -36.15
C VAL A 214 18.25 16.52 -35.22
N GLY A 215 18.73 17.08 -34.12
CA GLY A 215 19.51 16.35 -33.14
C GLY A 215 20.96 16.79 -33.12
N LEU A 216 21.65 16.37 -32.07
CA LEU A 216 23.02 16.75 -31.78
C LEU A 216 23.93 15.52 -31.70
N GLY A 217 25.19 15.71 -32.09
CA GLY A 217 26.20 14.66 -31.95
C GLY A 217 25.82 13.42 -32.73
N LYS A 218 26.06 12.25 -32.11
CA LYS A 218 25.67 10.99 -32.72
C LYS A 218 24.17 10.89 -32.92
N GLY A 219 23.39 11.81 -32.34
CA GLY A 219 21.96 11.91 -32.47
C GLY A 219 21.49 12.75 -33.63
N ARG A 220 22.41 13.29 -34.43
CA ARG A 220 22.02 14.05 -35.61
C ARG A 220 21.23 13.16 -36.57
N GLY A 221 19.96 13.48 -36.75
CA GLY A 221 19.08 12.72 -37.61
C GLY A 221 17.95 12.01 -36.87
N TYR A 222 18.11 11.80 -35.57
CA TYR A 222 17.16 11.00 -34.79
C TYR A 222 16.15 11.86 -34.03
N ASN A 223 15.99 13.13 -34.43
CA ASN A 223 14.95 14.00 -33.92
C ASN A 223 14.19 14.60 -35.09
N VAL A 224 12.89 14.28 -35.20
CA VAL A 224 12.05 14.74 -36.30
C VAL A 224 10.88 15.56 -35.76
N ASN A 225 10.85 16.85 -36.11
CA ASN A 225 9.80 17.80 -35.72
C ASN A 225 8.97 18.13 -36.94
N ILE A 226 7.66 17.84 -36.87
CA ILE A 226 6.76 18.19 -37.98
C ILE A 226 5.77 19.23 -37.49
N PRO A 227 6.03 20.53 -37.74
CA PRO A 227 5.21 21.60 -37.16
C PRO A 227 4.10 22.07 -38.09
N TRP A 228 2.91 22.37 -37.56
CA TRP A 228 1.84 22.95 -38.37
C TRP A 228 1.79 24.45 -38.12
N ASN A 229 1.43 25.19 -39.16
CA ASN A 229 1.32 26.64 -39.10
C ASN A 229 0.07 27.05 -39.85
N GLY A 230 -0.73 27.93 -39.23
CA GLY A 230 -1.74 28.70 -39.95
C GLY A 230 -2.93 27.96 -40.51
N GLY A 231 -3.18 26.74 -40.08
CA GLY A 231 -4.31 25.99 -40.62
C GLY A 231 -4.96 25.13 -39.56
N LYS A 232 -6.27 24.95 -39.70
CA LYS A 232 -7.00 24.01 -38.86
C LYS A 232 -6.75 22.63 -39.46
N MET A 233 -5.86 21.86 -38.84
CA MET A 233 -5.39 20.61 -39.40
C MET A 233 -6.33 19.47 -39.04
N GLY A 234 -6.33 18.45 -39.90
CA GLY A 234 -7.16 17.28 -39.66
C GLY A 234 -6.63 15.98 -40.24
N ASP A 235 -7.57 15.08 -40.53
CA ASP A 235 -7.21 13.76 -41.01
C ASP A 235 -6.37 13.78 -42.30
N PRO A 236 -6.63 14.64 -43.28
CA PRO A 236 -5.72 14.69 -44.43
C PRO A 236 -4.29 14.99 -44.05
N GLU A 237 -4.10 16.01 -43.23
CA GLU A 237 -2.76 16.47 -42.93
C GLU A 237 -1.97 15.38 -42.20
N TYR A 238 -2.63 14.67 -41.27
CA TYR A 238 -1.94 13.64 -40.52
C TYR A 238 -1.76 12.36 -41.32
N MET A 239 -2.64 12.07 -42.28
CA MET A 239 -2.43 10.90 -43.13
C MET A 239 -1.28 11.14 -44.07
N ALA A 240 -1.17 12.36 -44.62
CA ALA A 240 -0.03 12.70 -45.49
C ALA A 240 1.28 12.71 -44.71
N ALA A 241 1.26 13.12 -43.44
CA ALA A 241 2.50 13.22 -42.68
C ALA A 241 3.04 11.83 -42.35
N PHE A 242 2.16 10.90 -41.96
CA PHE A 242 2.58 9.51 -41.78
C PHE A 242 3.09 8.94 -43.08
N HIS A 243 2.33 9.16 -44.16
CA HIS A 243 2.64 8.54 -45.45
C HIS A 243 3.98 9.00 -46.00
N HIS A 244 4.36 10.27 -45.80
CA HIS A 244 5.59 10.78 -46.39
C HIS A 244 6.79 10.76 -45.44
N LEU A 245 6.54 10.92 -44.14
CA LEU A 245 7.62 11.15 -43.19
C LEU A 245 7.69 10.06 -42.13
N VAL A 246 6.62 9.87 -41.35
CA VAL A 246 6.70 9.03 -40.16
C VAL A 246 6.99 7.59 -40.54
N MET A 247 6.23 7.03 -41.47
CA MET A 247 6.36 5.62 -41.80
C MET A 247 7.64 5.31 -42.58
N PRO A 248 8.07 6.13 -43.56
CA PRO A 248 9.39 5.86 -44.17
C PRO A 248 10.53 5.94 -43.17
N ILE A 249 10.63 7.02 -42.39
CA ILE A 249 11.73 7.12 -41.44
C ILE A 249 11.70 5.94 -40.47
N ALA A 250 10.50 5.62 -39.98
CA ALA A 250 10.37 4.60 -38.93
C ALA A 250 10.70 3.21 -39.46
N ARG A 251 10.27 2.88 -40.69
CA ARG A 251 10.69 1.61 -41.25
C ARG A 251 12.21 1.55 -41.38
N GLU A 252 12.83 2.68 -41.71
CA GLU A 252 14.27 2.70 -41.90
C GLU A 252 14.99 2.61 -40.55
N PHE A 253 14.40 3.16 -39.49
CA PHE A 253 14.96 2.98 -38.15
C PHE A 253 14.87 1.53 -37.67
N ALA A 254 13.84 0.78 -38.12
CA ALA A 254 13.52 -0.57 -37.69
C ALA A 254 13.53 -0.67 -36.16
N PRO A 255 12.52 -0.13 -35.50
CA PRO A 255 12.51 -0.17 -34.03
C PRO A 255 12.25 -1.58 -33.52
N GLU A 256 12.71 -1.80 -32.29
CA GLU A 256 12.39 -3.01 -31.55
C GLU A 256 11.25 -2.80 -30.56
N LEU A 257 10.78 -1.56 -30.40
CA LEU A 257 9.68 -1.22 -29.51
C LEU A 257 9.18 0.17 -29.91
N VAL A 258 7.87 0.36 -29.83
CA VAL A 258 7.24 1.61 -30.25
C VAL A 258 6.39 2.14 -29.09
N LEU A 259 6.71 3.35 -28.64
CA LEU A 259 5.91 4.07 -27.66
C LEU A 259 5.18 5.22 -28.35
N VAL A 260 3.88 5.35 -28.06
CA VAL A 260 3.09 6.47 -28.55
C VAL A 260 2.79 7.40 -27.37
N SER A 261 3.36 8.60 -27.40
CA SER A 261 2.88 9.68 -26.56
C SER A 261 1.52 10.14 -27.08
N ALA A 262 0.43 9.49 -26.65
CA ALA A 262 -0.87 9.63 -27.32
C ALA A 262 -1.75 10.64 -26.61
N GLY A 263 -1.52 11.92 -26.92
CA GLY A 263 -2.42 12.98 -26.49
C GLY A 263 -3.51 13.19 -27.52
N PHE A 264 -4.71 13.50 -27.05
CA PHE A 264 -5.84 13.63 -27.96
C PHE A 264 -6.40 15.04 -27.96
N ASP A 265 -5.53 16.04 -27.79
CA ASP A 265 -5.93 17.44 -27.89
C ASP A 265 -5.82 17.99 -29.31
N ALA A 266 -5.52 17.16 -30.31
CA ALA A 266 -5.71 17.53 -31.70
C ALA A 266 -7.02 16.99 -32.26
N ALA A 267 -7.85 16.37 -31.41
CA ALA A 267 -9.13 15.80 -31.83
C ALA A 267 -10.19 16.87 -31.99
N ARG A 268 -11.01 16.70 -33.01
CA ARG A 268 -12.19 17.53 -33.21
C ARG A 268 -12.95 17.77 -31.90
N GLY A 269 -13.06 19.03 -31.50
CA GLY A 269 -13.81 19.37 -30.30
C GLY A 269 -12.99 19.66 -29.06
N ASP A 270 -11.68 19.54 -29.12
CA ASP A 270 -10.89 19.90 -27.96
C ASP A 270 -10.92 21.42 -27.75
N PRO A 271 -11.01 21.89 -26.51
CA PRO A 271 -11.04 23.33 -26.24
C PRO A 271 -9.68 23.99 -26.26
N LEU A 272 -8.60 23.26 -26.56
CA LEU A 272 -7.28 23.87 -26.62
C LEU A 272 -6.59 23.72 -27.97
N GLY A 273 -6.84 22.65 -28.71
CA GLY A 273 -6.02 22.36 -29.88
C GLY A 273 -6.42 23.07 -31.16
N GLY A 274 -7.70 23.32 -31.36
CA GLY A 274 -8.17 23.95 -32.59
C GLY A 274 -8.08 23.11 -33.85
N PHE A 275 -7.82 21.80 -33.74
CA PHE A 275 -7.69 20.87 -34.88
C PHE A 275 -8.91 19.95 -34.94
N GLN A 276 -8.97 19.10 -35.97
CA GLN A 276 -10.18 18.29 -36.19
C GLN A 276 -9.87 16.85 -36.57
N VAL A 277 -8.85 16.25 -35.96
CA VAL A 277 -8.63 14.82 -36.17
C VAL A 277 -9.79 14.04 -35.57
N THR A 278 -10.28 13.01 -36.33
CA THR A 278 -11.41 12.18 -35.93
C THR A 278 -10.94 10.94 -35.18
N PRO A 279 -11.85 10.27 -34.45
CA PRO A 279 -11.48 8.95 -33.88
C PRO A 279 -11.13 7.93 -34.96
N GLU A 280 -11.80 8.00 -36.11
CA GLU A 280 -11.38 7.21 -37.26
C GLU A 280 -9.94 7.51 -37.60
N GLY A 281 -9.58 8.80 -37.61
CA GLY A 281 -8.22 9.19 -37.97
C GLY A 281 -7.19 8.58 -37.04
N TYR A 282 -7.34 8.82 -35.74
CA TYR A 282 -6.48 8.20 -34.73
C TYR A 282 -6.39 6.69 -34.88
N ALA A 283 -7.47 6.04 -35.30
CA ALA A 283 -7.45 4.59 -35.45
C ALA A 283 -6.51 4.18 -36.59
N HIS A 284 -6.63 4.87 -37.73
CA HIS A 284 -5.75 4.59 -38.85
C HIS A 284 -4.29 4.83 -38.50
N LEU A 285 -4.00 5.92 -37.76
CA LEU A 285 -2.61 6.15 -37.34
C LEU A 285 -2.13 4.98 -36.49
N THR A 286 -2.97 4.54 -35.55
CA THR A 286 -2.64 3.36 -34.74
C THR A 286 -2.37 2.14 -35.64
N HIS A 287 -3.27 1.89 -36.58
CA HIS A 287 -3.14 0.73 -37.45
C HIS A 287 -1.82 0.70 -38.21
N GLN A 288 -1.38 1.86 -38.71
CA GLN A 288 -0.11 1.97 -39.42
C GLN A 288 1.09 1.68 -38.52
N LEU A 289 1.11 2.26 -37.32
CA LEU A 289 2.21 1.99 -36.41
C LEU A 289 2.29 0.51 -36.05
N MET A 290 1.14 -0.19 -36.03
CA MET A 290 1.09 -1.61 -35.73
C MET A 290 1.95 -2.46 -36.67
N SER A 291 2.34 -1.91 -37.82
CA SER A 291 3.20 -2.63 -38.74
C SER A 291 4.67 -2.59 -38.37
N LEU A 292 5.06 -1.86 -37.34
CA LEU A 292 6.46 -1.73 -36.96
C LEU A 292 6.79 -2.64 -35.78
N ALA A 293 8.09 -2.95 -35.63
CA ALA A 293 8.63 -3.58 -34.43
C ALA A 293 7.92 -4.89 -34.10
N ALA A 294 7.54 -5.64 -35.13
CA ALA A 294 6.78 -6.87 -34.95
C ALA A 294 5.52 -6.64 -34.10
N GLY A 295 4.94 -5.44 -34.20
CA GLY A 295 3.69 -5.12 -33.53
C GLY A 295 3.80 -4.72 -32.08
N ARG A 296 5.01 -4.54 -31.53
CA ARG A 296 5.17 -4.18 -30.13
C ARG A 296 4.87 -2.68 -29.94
N VAL A 297 3.61 -2.36 -29.66
CA VAL A 297 3.14 -0.98 -29.56
C VAL A 297 2.57 -0.74 -28.17
N LEU A 298 2.97 0.38 -27.54
CA LEU A 298 2.41 0.82 -26.27
C LEU A 298 1.83 2.24 -26.40
N ILE A 299 0.54 2.40 -26.06
CA ILE A 299 -0.20 3.65 -26.24
C ILE A 299 -0.29 4.36 -24.90
N ILE A 300 0.29 5.56 -24.82
CA ILE A 300 0.40 6.29 -23.56
C ILE A 300 -0.47 7.53 -23.67
N LEU A 301 -1.43 7.66 -22.75
CA LEU A 301 -2.25 8.88 -22.70
C LEU A 301 -1.41 10.06 -22.23
N GLU A 302 -1.44 11.16 -23.01
CA GLU A 302 -0.86 12.44 -22.63
C GLU A 302 -1.97 13.47 -22.46
N GLY A 303 -1.97 14.49 -23.30
CA GLY A 303 -3.00 15.52 -23.24
C GLY A 303 -4.32 15.08 -23.87
N GLY A 304 -5.27 16.01 -23.90
CA GLY A 304 -6.61 15.72 -24.41
C GLY A 304 -7.67 16.11 -23.40
N TYR A 305 -8.54 17.09 -23.75
CA TYR A 305 -9.30 17.80 -22.73
C TYR A 305 -10.79 17.99 -23.05
N ASN A 306 -11.30 17.41 -24.13
CA ASN A 306 -12.75 17.24 -24.30
C ASN A 306 -13.07 15.81 -23.92
N LEU A 307 -13.90 15.63 -22.87
CA LEU A 307 -14.04 14.30 -22.26
C LEU A 307 -14.60 13.28 -23.25
N THR A 308 -15.68 13.64 -23.94
CA THR A 308 -16.21 12.78 -24.99
C THR A 308 -15.18 12.50 -26.08
N SER A 309 -14.43 13.52 -26.52
CA SER A 309 -13.51 13.31 -27.63
C SER A 309 -12.38 12.34 -27.28
N ILE A 310 -11.80 12.44 -26.08
CA ILE A 310 -10.68 11.57 -25.71
C ILE A 310 -11.15 10.14 -25.45
N SER A 311 -12.38 9.97 -24.96
CA SER A 311 -12.93 8.62 -24.74
C SER A 311 -13.12 7.89 -26.07
N GLU A 312 -13.90 8.46 -26.98
CA GLU A 312 -14.07 7.86 -28.29
C GLU A 312 -12.72 7.63 -28.99
N SER A 313 -11.76 8.56 -28.85
CA SER A 313 -10.55 8.51 -29.67
C SER A 313 -9.61 7.39 -29.21
N MET A 314 -9.32 7.34 -27.92
CA MET A 314 -8.47 6.25 -27.44
C MET A 314 -9.14 4.89 -27.60
N SER A 315 -10.46 4.81 -27.44
CA SER A 315 -11.17 3.54 -27.59
C SER A 315 -11.01 2.98 -29.00
N MET A 316 -11.10 3.83 -30.02
CA MET A 316 -10.77 3.42 -31.38
C MET A 316 -9.35 2.88 -31.47
N CYS A 317 -8.42 3.48 -30.73
CA CYS A 317 -7.04 3.05 -30.77
C CYS A 317 -6.90 1.65 -30.17
N THR A 318 -7.63 1.39 -29.07
CA THR A 318 -7.62 0.04 -28.48
C THR A 318 -8.28 -0.96 -29.41
N SER A 319 -9.34 -0.55 -30.11
CA SER A 319 -9.95 -1.45 -31.08
C SER A 319 -8.97 -1.85 -32.19
N MET A 320 -8.03 -0.98 -32.57
CA MET A 320 -7.02 -1.39 -33.56
C MET A 320 -6.05 -2.40 -32.96
N LEU A 321 -5.56 -2.14 -31.74
CA LEU A 321 -4.60 -3.05 -31.11
C LEU A 321 -5.17 -4.44 -30.93
N LEU A 322 -6.49 -4.54 -30.73
CA LEU A 322 -7.16 -5.83 -30.58
C LEU A 322 -7.34 -6.55 -31.90
N GLY A 323 -7.10 -5.88 -33.03
CA GLY A 323 -7.14 -6.49 -34.34
C GLY A 323 -8.36 -6.19 -35.19
N ASP A 324 -9.25 -5.31 -34.76
CA ASP A 324 -10.46 -5.07 -35.54
C ASP A 324 -10.13 -4.28 -36.81
N SER A 325 -11.01 -4.38 -37.80
CA SER A 325 -10.74 -3.72 -39.08
C SER A 325 -10.72 -2.22 -38.88
N PRO A 326 -9.82 -1.51 -39.57
CA PRO A 326 -9.87 -0.05 -39.53
C PRO A 326 -11.22 0.45 -40.02
N PRO A 327 -11.71 1.54 -39.46
CA PRO A 327 -13.04 2.02 -39.82
C PRO A 327 -13.00 2.78 -41.14
N SER A 328 -14.19 2.94 -41.72
CA SER A 328 -14.36 3.77 -42.91
C SER A 328 -13.84 5.17 -42.64
N LEU A 329 -12.81 5.56 -43.36
CA LEU A 329 -12.31 6.92 -43.30
C LEU A 329 -12.86 7.68 -44.50
N ASP A 330 -13.25 8.93 -44.27
CA ASP A 330 -14.05 9.67 -45.24
C ASP A 330 -13.27 9.99 -46.50
N HIS A 331 -13.02 11.26 -46.76
CA HIS A 331 -12.31 11.65 -47.98
C HIS A 331 -11.09 12.47 -47.62
N LEU A 332 -9.93 12.06 -48.11
CA LEU A 332 -8.71 12.85 -47.98
C LEU A 332 -8.76 13.97 -49.01
N THR A 333 -9.46 15.07 -48.64
CA THR A 333 -9.44 16.35 -49.37
C THR A 333 -7.98 16.76 -49.55
N PRO A 334 -7.65 17.63 -50.49
CA PRO A 334 -6.27 18.10 -50.58
C PRO A 334 -5.87 18.79 -49.27
N LEU A 335 -4.57 18.77 -49.00
CA LEU A 335 -4.08 19.38 -47.77
C LEU A 335 -4.20 20.89 -47.84
N LYS A 336 -4.47 21.49 -46.69
CA LYS A 336 -4.23 22.92 -46.57
C LYS A 336 -2.85 23.22 -47.14
N THR A 337 -2.76 24.32 -47.89
CA THR A 337 -1.52 24.64 -48.59
C THR A 337 -0.34 24.68 -47.63
N SER A 338 -0.52 25.30 -46.46
CA SER A 338 0.59 25.40 -45.52
C SER A 338 1.05 24.04 -45.01
N ALA A 339 0.16 23.05 -44.96
CA ALA A 339 0.56 21.70 -44.52
C ALA A 339 1.49 21.05 -45.54
N THR A 340 1.31 21.35 -46.82
CA THR A 340 2.24 20.88 -47.83
C THR A 340 3.62 21.48 -47.61
N VAL A 341 3.68 22.82 -47.44
CA VAL A 341 4.93 23.53 -47.16
C VAL A 341 5.63 22.93 -45.95
N SER A 342 4.88 22.58 -44.91
CA SER A 342 5.48 21.96 -43.73
C SER A 342 6.14 20.64 -44.07
N ILE A 343 5.43 19.74 -44.77
CA ILE A 343 5.99 18.42 -45.05
C ILE A 343 7.25 18.55 -45.89
N ASN A 344 7.24 19.42 -46.90
CA ASN A 344 8.43 19.60 -47.73
C ASN A 344 9.59 20.11 -46.90
N ASN A 345 9.29 20.99 -45.93
CA ASN A 345 10.34 21.52 -45.06
C ASN A 345 11.01 20.41 -44.27
N VAL A 346 10.23 19.42 -43.82
CA VAL A 346 10.85 18.30 -43.09
C VAL A 346 11.61 17.40 -44.06
N LEU A 347 11.09 17.19 -45.28
CA LEU A 347 11.81 16.33 -46.22
C LEU A 347 13.20 16.92 -46.51
N ARG A 348 13.29 18.24 -46.64
CA ARG A 348 14.57 18.86 -46.92
C ARG A 348 15.48 18.85 -45.69
N ALA A 349 14.93 18.91 -44.48
CA ALA A 349 15.77 18.83 -43.28
C ALA A 349 16.28 17.41 -43.00
N HIS A 350 15.57 16.38 -43.45
CA HIS A 350 15.94 15.04 -43.05
C HIS A 350 16.38 14.13 -44.19
N ALA A 351 16.20 14.54 -45.44
CA ALA A 351 16.68 13.70 -46.53
C ALA A 351 18.19 13.46 -46.51
N PRO A 352 19.05 14.35 -45.99
CA PRO A 352 20.47 13.98 -45.87
C PRO A 352 20.74 12.82 -44.93
N PHE A 353 19.81 12.51 -44.01
CA PHE A 353 20.03 11.49 -42.98
C PHE A 353 19.28 10.19 -43.23
N TRP A 354 18.24 10.20 -44.05
CA TRP A 354 17.40 9.03 -44.28
C TRP A 354 17.39 8.71 -45.77
N SER A 355 17.83 7.52 -46.12
CA SER A 355 17.91 7.23 -47.53
C SER A 355 16.56 6.94 -48.16
N SER A 356 15.49 6.83 -47.37
CA SER A 356 14.16 6.63 -47.91
C SER A 356 13.37 7.91 -48.08
N LEU A 357 14.00 9.08 -47.89
CA LEU A 357 13.38 10.35 -48.21
C LEU A 357 14.17 11.01 -49.34
N ARG A 358 13.50 11.87 -50.10
CA ARG A 358 14.21 12.63 -51.14
C ARG A 358 13.90 14.13 -51.07
N SER B 1 -11.10 -36.08 21.03
CA SER B 1 -10.04 -36.76 21.76
C SER B 1 -8.96 -35.83 22.35
N PRO B 2 -8.50 -34.79 21.63
CA PRO B 2 -7.62 -33.81 22.26
C PRO B 2 -8.41 -32.94 23.21
N ILE B 3 -7.76 -32.54 24.30
CA ILE B 3 -8.43 -31.89 25.42
C ILE B 3 -8.05 -30.43 25.44
N THR B 4 -9.03 -29.58 25.75
CA THR B 4 -8.85 -28.14 25.90
C THR B 4 -9.01 -27.77 27.38
N GLY B 5 -8.02 -27.06 27.91
CA GLY B 5 -8.08 -26.63 29.30
C GLY B 5 -8.70 -25.26 29.49
N LEU B 6 -9.31 -25.05 30.64
CA LEU B 6 -9.86 -23.75 31.00
C LEU B 6 -9.57 -23.49 32.47
N VAL B 7 -9.10 -22.29 32.77
CA VAL B 7 -8.78 -21.92 34.14
C VAL B 7 -9.57 -20.67 34.49
N TYR B 8 -10.18 -20.69 35.67
CA TYR B 8 -10.99 -19.58 36.19
C TYR B 8 -11.14 -19.78 37.67
N ASP B 9 -10.87 -18.74 38.43
CA ASP B 9 -10.99 -18.75 39.87
C ASP B 9 -11.68 -17.45 40.27
N GLN B 10 -12.81 -17.59 40.98
CA GLN B 10 -13.60 -16.45 41.44
C GLN B 10 -12.78 -15.53 42.33
N ARG B 11 -11.74 -16.05 42.98
CA ARG B 11 -10.92 -15.25 43.89
C ARG B 11 -10.32 -14.02 43.20
N MET B 12 -10.13 -14.08 41.88
CA MET B 12 -9.54 -12.96 41.17
C MET B 12 -10.49 -11.78 41.06
N MET B 13 -11.76 -11.93 41.48
CA MET B 13 -12.73 -10.84 41.50
C MET B 13 -12.53 -9.90 42.68
N LEU B 14 -11.74 -10.30 43.69
CA LEU B 14 -11.55 -9.48 44.89
C LEU B 14 -10.76 -8.20 44.63
N HIS B 15 -9.90 -8.17 43.61
CA HIS B 15 -9.22 -6.93 43.22
C HIS B 15 -10.26 -5.90 42.82
N HIS B 16 -10.28 -4.75 43.48
CA HIS B 16 -11.34 -3.80 43.17
C HIS B 16 -10.88 -2.35 43.42
N ASN B 17 -11.64 -1.42 42.82
CA ASN B 17 -11.41 0.02 42.93
C ASN B 17 -12.24 0.54 44.11
N MET B 18 -11.56 0.98 45.14
CA MET B 18 -12.21 1.32 46.40
C MET B 18 -12.99 2.61 46.28
N TRP B 19 -12.59 3.51 45.38
CA TRP B 19 -13.11 4.87 45.32
C TRP B 19 -14.10 5.09 44.17
N ASP B 20 -14.01 4.33 43.08
CA ASP B 20 -14.95 4.42 41.96
C ASP B 20 -15.35 3.00 41.59
N SER B 21 -16.53 2.57 42.07
CA SER B 21 -17.00 1.21 41.85
C SER B 21 -17.36 0.95 40.40
N HIS B 22 -17.42 1.98 39.57
CA HIS B 22 -17.75 1.85 38.16
C HIS B 22 -16.52 1.89 37.25
N HIS B 23 -15.32 1.76 37.80
CA HIS B 23 -14.11 1.74 36.99
C HIS B 23 -14.18 0.61 35.95
N PRO B 24 -13.80 0.88 34.70
CA PRO B 24 -14.01 -0.12 33.64
C PRO B 24 -13.42 -1.49 33.90
N GLU B 25 -12.25 -1.58 34.54
CA GLU B 25 -11.67 -2.87 34.88
C GLU B 25 -12.43 -3.55 36.02
N LEU B 26 -13.65 -4.08 35.73
CA LEU B 26 -14.58 -4.55 36.75
C LEU B 26 -14.28 -5.99 37.16
N PRO B 27 -14.53 -6.33 38.42
CA PRO B 27 -14.38 -7.73 38.86
C PRO B 27 -15.23 -8.69 38.04
N GLN B 28 -16.41 -8.28 37.64
CA GLN B 28 -17.35 -9.11 36.88
C GLN B 28 -16.93 -9.29 35.43
N ARG B 29 -15.76 -8.82 35.03
CA ARG B 29 -15.27 -9.13 33.70
C ARG B 29 -15.03 -10.62 33.55
N ILE B 30 -14.49 -11.28 34.59
CA ILE B 30 -14.18 -12.69 34.41
C ILE B 30 -15.41 -13.56 34.64
N SER B 31 -16.32 -13.17 35.54
CA SER B 31 -17.46 -14.02 35.81
C SER B 31 -18.50 -13.92 34.70
N ARG B 32 -18.55 -12.80 33.98
CA ARG B 32 -19.41 -12.71 32.80
C ARG B 32 -18.91 -13.63 31.71
N ILE B 33 -17.60 -13.62 31.44
CA ILE B 33 -17.03 -14.53 30.44
C ILE B 33 -17.31 -15.98 30.83
N PHE B 34 -17.03 -16.30 32.11
CA PHE B 34 -17.29 -17.66 32.61
C PHE B 34 -18.74 -18.06 32.41
N SER B 35 -19.66 -17.21 32.89
CA SER B 35 -21.09 -17.49 32.78
C SER B 35 -21.50 -17.76 31.33
N ARG B 36 -20.91 -17.04 30.38
CA ARG B 36 -21.27 -17.24 28.99
C ARG B 36 -20.79 -18.61 28.46
N HIS B 37 -19.62 -19.06 28.94
CA HIS B 37 -19.13 -20.39 28.56
C HIS B 37 -20.08 -21.50 29.03
N GLU B 38 -20.77 -21.30 30.16
CA GLU B 38 -21.63 -22.38 30.66
C GLU B 38 -22.99 -22.38 29.96
N GLU B 39 -23.57 -21.20 29.67
CA GLU B 39 -24.84 -21.22 28.97
C GLU B 39 -24.70 -21.56 27.48
N LEU B 40 -23.50 -21.47 26.92
CA LEU B 40 -23.23 -22.10 25.63
C LEU B 40 -22.89 -23.58 25.79
N ARG B 41 -22.76 -24.06 27.03
CA ARG B 41 -22.39 -25.45 27.30
C ARG B 41 -21.05 -25.79 26.66
N LEU B 42 -20.11 -24.85 26.75
CA LEU B 42 -18.71 -25.09 26.41
C LEU B 42 -17.89 -25.49 27.63
N LEU B 43 -18.33 -25.09 28.83
CA LEU B 43 -17.56 -25.39 30.03
C LEU B 43 -17.45 -26.90 30.24
N SER B 44 -18.54 -27.65 30.03
CA SER B 44 -18.49 -29.09 30.28
C SER B 44 -17.62 -29.84 29.26
N ARG B 45 -17.34 -29.24 28.12
CA ARG B 45 -16.47 -29.86 27.13
C ARG B 45 -14.99 -29.63 27.38
N CYS B 46 -14.64 -28.83 28.39
CA CYS B 46 -13.26 -28.45 28.70
C CYS B 46 -12.81 -29.14 29.97
N HIS B 47 -11.51 -29.40 30.07
CA HIS B 47 -10.95 -29.83 31.33
C HIS B 47 -10.58 -28.62 32.17
N ARG B 48 -10.85 -28.71 33.46
CA ARG B 48 -10.64 -27.60 34.37
C ARG B 48 -9.25 -27.67 34.98
N ILE B 49 -8.44 -26.65 34.72
CA ILE B 49 -7.06 -26.55 35.23
C ILE B 49 -7.06 -25.67 36.47
N PRO B 50 -6.44 -26.10 37.57
CA PRO B 50 -6.55 -25.30 38.81
C PRO B 50 -5.69 -24.05 38.77
N ALA B 51 -6.19 -23.01 39.43
CA ALA B 51 -5.34 -21.84 39.66
C ALA B 51 -4.35 -22.12 40.80
N ARG B 52 -3.28 -21.34 40.84
CA ARG B 52 -2.40 -21.30 41.99
C ARG B 52 -1.70 -19.96 42.02
N LEU B 53 -1.07 -19.66 43.14
CA LEU B 53 -0.27 -18.43 43.25
C LEU B 53 1.09 -18.60 42.58
N ALA B 54 1.58 -17.52 41.97
CA ALA B 54 2.98 -17.49 41.59
C ALA B 54 3.86 -17.31 42.83
N THR B 55 5.09 -17.80 42.74
CA THR B 55 6.02 -17.54 43.81
C THR B 55 6.78 -16.26 43.53
N GLU B 56 7.52 -15.78 44.53
CA GLU B 56 8.34 -14.59 44.30
C GLU B 56 9.53 -14.90 43.40
N GLU B 57 10.08 -16.11 43.47
CA GLU B 57 11.15 -16.47 42.53
C GLU B 57 10.66 -16.45 41.09
N GLU B 58 9.44 -16.94 40.85
CA GLU B 58 8.88 -16.88 39.50
C GLU B 58 8.71 -15.44 39.02
N LEU B 59 8.24 -14.54 39.89
CA LEU B 59 8.07 -13.14 39.51
C LEU B 59 9.40 -12.52 39.09
N ALA B 60 10.49 -12.96 39.70
CA ALA B 60 11.81 -12.45 39.41
C ALA B 60 12.28 -12.83 38.03
N LEU B 61 11.63 -13.78 37.36
CA LEU B 61 11.97 -14.05 35.97
C LEU B 61 11.91 -12.79 35.12
N CYS B 62 11.01 -11.86 35.45
CA CYS B 62 10.83 -10.67 34.63
C CYS B 62 10.89 -9.34 35.42
N HIS B 63 10.61 -9.31 36.71
CA HIS B 63 10.49 -8.05 37.43
C HIS B 63 11.58 -7.89 38.48
N SER B 64 11.94 -6.65 38.77
CA SER B 64 12.91 -6.34 39.80
C SER B 64 12.42 -6.79 41.18
N SER B 65 13.36 -7.01 42.09
CA SER B 65 12.98 -7.36 43.44
C SER B 65 12.35 -6.19 44.17
N LYS B 66 12.71 -4.96 43.80
CA LYS B 66 12.10 -3.78 44.40
C LYS B 66 10.64 -3.63 43.98
N HIS B 67 10.34 -3.80 42.69
CA HIS B 67 8.95 -3.77 42.23
C HIS B 67 8.10 -4.85 42.88
N ILE B 68 8.65 -6.05 43.08
CA ILE B 68 7.89 -7.12 43.74
C ILE B 68 7.55 -6.71 45.18
N SER B 69 8.54 -6.21 45.92
CA SER B 69 8.33 -5.89 47.33
C SER B 69 7.31 -4.77 47.54
N ILE B 70 7.31 -3.75 46.67
CA ILE B 70 6.36 -2.64 46.83
C ILE B 70 4.93 -3.12 46.62
N ILE B 71 4.69 -3.92 45.57
CA ILE B 71 3.35 -4.43 45.32
C ILE B 71 2.97 -5.43 46.41
N LYS B 72 3.93 -6.23 46.88
CA LYS B 72 3.65 -7.16 47.96
C LYS B 72 3.25 -6.42 49.23
N SER B 73 3.86 -5.26 49.47
CA SER B 73 3.59 -4.51 50.69
C SER B 73 2.23 -3.83 50.65
N SER B 74 1.62 -3.67 49.46
CA SER B 74 0.34 -3.01 49.37
C SER B 74 -0.77 -3.83 50.01
N GLU B 75 -0.56 -5.14 50.20
CA GLU B 75 -1.55 -5.98 50.88
C GLU B 75 -1.86 -5.50 52.29
N HIS B 76 -0.90 -4.86 52.97
CA HIS B 76 -1.10 -4.39 54.33
C HIS B 76 -1.18 -2.86 54.45
N MET B 77 -1.47 -2.17 53.35
CA MET B 77 -1.51 -0.70 53.38
C MET B 77 -2.92 -0.19 53.68
N LYS B 78 -2.98 0.97 54.34
CA LYS B 78 -4.23 1.67 54.60
C LYS B 78 -4.79 2.28 53.32
N PRO B 79 -6.09 2.62 53.31
CA PRO B 79 -6.66 3.31 52.14
C PRO B 79 -5.91 4.57 51.71
N ARG B 80 -5.58 5.47 52.64
CA ARG B 80 -4.68 6.58 52.37
C ARG B 80 -3.48 6.16 51.52
N ASP B 81 -2.74 5.17 52.01
CA ASP B 81 -1.52 4.68 51.36
C ASP B 81 -1.84 3.94 50.06
N LEU B 82 -2.94 3.18 50.01
CA LEU B 82 -3.31 2.54 48.76
C LEU B 82 -3.56 3.58 47.67
N ASN B 83 -4.15 4.72 48.04
CA ASN B 83 -4.43 5.79 47.08
C ASN B 83 -3.14 6.45 46.61
N ARG B 84 -2.26 6.80 47.56
CA ARG B 84 -1.03 7.47 47.21
C ARG B 84 -0.13 6.57 46.37
N LEU B 85 -0.03 5.28 46.72
CA LEU B 85 0.77 4.34 45.94
C LEU B 85 0.22 4.19 44.53
N GLY B 86 -1.09 3.98 44.40
CA GLY B 86 -1.70 3.87 43.09
C GLY B 86 -1.46 5.09 42.22
N ASP B 87 -1.39 6.28 42.84
CA ASP B 87 -1.17 7.52 42.11
C ASP B 87 0.29 7.71 41.66
N GLU B 88 1.23 6.98 42.26
CA GLU B 88 2.61 6.98 41.77
C GLU B 88 2.74 6.40 40.36
N TYR B 89 1.76 5.66 39.89
CA TYR B 89 1.84 4.96 38.60
C TYR B 89 0.87 5.56 37.60
N ASN B 90 1.04 5.15 36.35
CA ASN B 90 0.19 5.58 35.24
C ASN B 90 -1.03 4.68 35.21
N SER B 91 -2.14 5.17 35.78
CA SER B 91 -3.44 4.49 35.72
C SER B 91 -3.46 3.18 36.50
N ILE B 92 -3.48 3.25 37.83
CA ILE B 92 -3.44 2.07 38.67
C ILE B 92 -4.31 2.33 39.90
N PHE B 93 -5.30 1.46 40.14
CA PHE B 93 -5.94 1.39 41.45
C PHE B 93 -5.52 0.09 42.15
N ILE B 94 -5.36 0.18 43.47
CA ILE B 94 -4.92 -0.94 44.30
C ILE B 94 -5.90 -1.11 45.46
N SER B 95 -6.14 -2.37 45.83
CA SER B 95 -6.81 -2.71 47.08
C SER B 95 -5.98 -3.79 47.78
N ASN B 96 -6.37 -4.13 49.02
CA ASN B 96 -5.59 -5.07 49.81
C ASN B 96 -5.53 -6.45 49.17
N GLU B 97 -6.46 -6.76 48.27
CA GLU B 97 -6.50 -8.04 47.58
C GLU B 97 -5.76 -8.02 46.24
N SER B 98 -5.24 -6.86 45.82
CA SER B 98 -4.69 -6.73 44.47
C SER B 98 -3.48 -7.64 44.26
N TYR B 99 -2.59 -7.69 45.24
CA TYR B 99 -1.39 -8.53 45.13
C TYR B 99 -1.78 -9.99 44.91
N THR B 100 -2.74 -10.50 45.69
CA THR B 100 -3.11 -11.90 45.59
C THR B 100 -3.69 -12.22 44.22
N CYS B 101 -4.52 -11.32 43.68
CA CYS B 101 -5.12 -11.59 42.37
C CYS B 101 -4.08 -11.51 41.25
N ALA B 102 -3.07 -10.66 41.40
CA ALA B 102 -2.02 -10.64 40.40
C ALA B 102 -1.21 -11.94 40.42
N LEU B 103 -0.91 -12.44 41.64
CA LEU B 103 -0.26 -13.73 41.77
C LEU B 103 -1.11 -14.85 41.20
N LEU B 104 -2.44 -14.77 41.40
CA LEU B 104 -3.32 -15.86 40.98
C LEU B 104 -3.48 -15.90 39.46
N ALA B 105 -3.40 -14.75 38.81
CA ALA B 105 -3.53 -14.75 37.35
C ALA B 105 -2.24 -15.21 36.69
N ALA B 106 -1.09 -14.84 37.25
CA ALA B 106 0.15 -15.36 36.74
C ALA B 106 0.22 -16.86 36.92
N GLY B 107 -0.03 -17.34 38.16
CA GLY B 107 0.11 -18.75 38.43
C GLY B 107 -0.91 -19.62 37.72
N SER B 108 -2.10 -19.08 37.46
CA SER B 108 -3.08 -19.78 36.64
C SER B 108 -2.52 -20.11 35.26
N CYS B 109 -1.75 -19.18 34.68
CA CYS B 109 -1.14 -19.34 33.37
C CYS B 109 0.10 -20.24 33.40
N PHE B 110 0.78 -20.33 34.54
CA PHE B 110 1.90 -21.26 34.63
C PHE B 110 1.39 -22.69 34.58
N ASN B 111 0.28 -22.97 35.30
CA ASN B 111 -0.32 -24.30 35.30
C ASN B 111 -0.87 -24.64 33.91
N SER B 112 -1.51 -23.67 33.24
CA SER B 112 -2.04 -23.93 31.90
C SER B 112 -0.93 -24.29 30.92
N ALA B 113 0.18 -23.53 30.95
CA ALA B 113 1.31 -23.81 30.08
C ALA B 113 1.96 -25.15 30.41
N GLN B 114 2.01 -25.51 31.70
CA GLN B 114 2.60 -26.80 32.06
C GLN B 114 1.73 -27.94 31.53
N ALA B 115 0.40 -27.79 31.64
CA ALA B 115 -0.51 -28.81 31.14
C ALA B 115 -0.34 -29.01 29.63
N ILE B 116 -0.13 -27.91 28.90
CA ILE B 116 0.14 -27.99 27.47
C ILE B 116 1.48 -28.67 27.22
N LEU B 117 2.53 -28.23 27.92
CA LEU B 117 3.88 -28.66 27.55
C LEU B 117 4.18 -30.07 28.03
N THR B 118 3.32 -30.66 28.85
CA THR B 118 3.40 -32.07 29.23
C THR B 118 2.43 -32.95 28.44
N GLY B 119 1.67 -32.39 27.51
CA GLY B 119 0.76 -33.21 26.74
C GLY B 119 -0.48 -33.66 27.47
N GLN B 120 -0.80 -33.04 28.61
CA GLN B 120 -2.05 -33.33 29.30
C GLN B 120 -3.25 -32.63 28.66
N VAL B 121 -3.05 -31.41 28.14
CA VAL B 121 -4.01 -30.79 27.24
C VAL B 121 -3.29 -30.45 25.94
N ARG B 122 -4.09 -30.18 24.92
CA ARG B 122 -3.60 -29.67 23.66
C ARG B 122 -3.58 -28.13 23.63
N ASN B 123 -4.56 -27.47 24.23
CA ASN B 123 -4.60 -26.01 24.22
C ASN B 123 -5.43 -25.55 25.42
N ALA B 124 -5.44 -24.22 25.66
CA ALA B 124 -6.10 -23.76 26.88
C ALA B 124 -6.47 -22.29 26.82
N VAL B 125 -7.43 -21.92 27.67
CA VAL B 125 -7.93 -20.55 27.79
C VAL B 125 -7.89 -20.15 29.25
N ALA B 126 -7.49 -18.90 29.51
CA ALA B 126 -7.20 -18.43 30.87
C ALA B 126 -8.03 -17.17 31.18
N ILE B 127 -9.10 -17.35 31.95
CA ILE B 127 -10.02 -16.27 32.30
C ILE B 127 -9.51 -15.63 33.59
N VAL B 128 -8.68 -14.59 33.43
CA VAL B 128 -7.87 -14.06 34.53
C VAL B 128 -7.95 -12.53 34.56
N ARG B 129 -7.69 -11.97 35.74
CA ARG B 129 -7.63 -10.53 35.94
C ARG B 129 -6.89 -10.28 37.24
N PRO B 130 -6.23 -9.12 37.41
CA PRO B 130 -5.99 -7.95 36.54
C PRO B 130 -5.09 -8.30 35.37
N PRO B 131 -5.10 -7.48 34.30
CA PRO B 131 -4.28 -7.77 33.12
C PRO B 131 -2.78 -7.60 33.35
N GLY B 132 -2.00 -7.83 32.29
CA GLY B 132 -0.57 -7.98 32.42
C GLY B 132 0.38 -7.25 31.48
N HIS B 133 -0.04 -6.94 30.24
CA HIS B 133 0.96 -6.60 29.22
C HIS B 133 1.52 -5.19 29.33
N HIS B 134 0.90 -4.30 30.10
CA HIS B 134 1.48 -2.98 30.31
C HIS B 134 2.54 -2.96 31.41
N ALA B 135 2.69 -4.04 32.17
CA ALA B 135 3.63 -4.00 33.30
C ALA B 135 5.04 -4.17 32.80
N GLU B 136 5.95 -3.38 33.38
CA GLU B 136 7.35 -3.36 33.04
C GLU B 136 8.12 -4.08 34.13
N LYS B 137 9.43 -4.22 33.92
CA LYS B 137 10.28 -4.89 34.91
C LYS B 137 10.20 -4.18 36.27
N ASP B 138 10.24 -2.85 36.29
CA ASP B 138 10.35 -2.09 37.54
C ASP B 138 9.08 -1.35 37.94
N THR B 139 7.98 -1.52 37.21
CA THR B 139 6.88 -0.59 37.41
C THR B 139 5.54 -1.20 36.99
N ALA B 140 4.46 -0.71 37.61
CA ALA B 140 3.09 -1.07 37.23
C ALA B 140 2.47 0.02 36.37
N CYS B 141 1.52 -0.36 35.50
CA CYS B 141 1.00 0.55 34.50
C CYS B 141 -0.32 0.00 33.93
N GLY B 142 -1.22 0.92 33.56
CA GLY B 142 -2.44 0.59 32.86
C GLY B 142 -3.18 -0.65 33.33
N PHE B 143 -3.57 -0.68 34.60
CA PHE B 143 -4.29 -1.75 35.27
C PHE B 143 -3.49 -3.05 35.40
N CYS B 144 -2.22 -3.10 34.98
CA CYS B 144 -1.38 -4.30 35.12
C CYS B 144 -0.33 -4.11 36.21
N PHE B 145 -0.12 -5.14 37.03
CA PHE B 145 0.88 -5.18 38.08
C PHE B 145 2.10 -6.02 37.71
N PHE B 146 1.88 -7.26 37.26
CA PHE B 146 2.92 -8.18 36.79
C PHE B 146 2.60 -8.63 35.37
N ASN B 147 3.65 -8.80 34.55
CA ASN B 147 3.41 -9.12 33.14
C ASN B 147 3.15 -10.62 33.00
N THR B 148 1.85 -10.97 33.06
CA THR B 148 1.47 -12.37 33.11
C THR B 148 1.95 -13.16 31.90
N ALA B 149 1.83 -12.59 30.70
CA ALA B 149 2.24 -13.33 29.51
C ALA B 149 3.76 -13.40 29.38
N ALA B 150 4.46 -12.32 29.73
CA ALA B 150 5.92 -12.42 29.76
C ALA B 150 6.36 -13.50 30.73
N LEU B 151 5.95 -13.37 31.99
CA LEU B 151 6.26 -14.37 33.01
C LEU B 151 5.91 -15.77 32.54
N THR B 152 4.79 -15.92 31.80
CA THR B 152 4.42 -17.25 31.34
C THR B 152 5.44 -17.79 30.34
N ALA B 153 5.98 -16.90 29.50
CA ALA B 153 6.98 -17.34 28.53
C ALA B 153 8.30 -17.71 29.20
N ARG B 154 8.70 -16.98 30.25
CA ARG B 154 9.91 -17.38 30.97
C ARG B 154 9.69 -18.65 31.77
N TYR B 155 8.50 -18.82 32.36
CA TYR B 155 8.21 -20.05 33.11
C TYR B 155 8.27 -21.26 32.18
N ALA B 156 7.76 -21.11 30.96
CA ALA B 156 7.77 -22.20 29.99
C ALA B 156 9.20 -22.63 29.66
N GLN B 157 10.05 -21.65 29.36
CA GLN B 157 11.46 -21.90 29.13
C GLN B 157 12.09 -22.59 30.34
N SER B 158 11.55 -22.36 31.53
CA SER B 158 12.24 -22.87 32.71
C SER B 158 11.91 -24.33 32.99
N ILE B 159 10.80 -24.85 32.45
CA ILE B 159 10.48 -26.26 32.58
C ILE B 159 10.76 -27.04 31.29
N THR B 160 11.39 -26.40 30.30
CA THR B 160 11.77 -27.17 29.11
C THR B 160 13.23 -26.92 28.72
N ARG B 161 13.43 -25.95 27.84
CA ARG B 161 14.74 -25.52 27.39
C ARG B 161 14.78 -24.01 27.52
N GLU B 162 15.85 -23.48 28.11
CA GLU B 162 15.97 -22.02 28.21
C GLU B 162 15.80 -21.35 26.84
N SER B 163 16.22 -22.00 25.75
CA SER B 163 16.13 -21.39 24.42
C SER B 163 14.82 -21.72 23.71
N LEU B 164 13.84 -22.31 24.40
CA LEU B 164 12.58 -22.67 23.78
C LEU B 164 11.94 -21.47 23.08
N ARG B 165 11.39 -21.72 21.88
CA ARG B 165 10.92 -20.65 21.01
C ARG B 165 9.44 -20.36 21.28
N VAL B 166 9.16 -19.16 21.78
CA VAL B 166 7.83 -18.77 22.25
C VAL B 166 7.39 -17.56 21.43
N LEU B 167 6.25 -17.70 20.75
CA LEU B 167 5.62 -16.59 20.06
C LEU B 167 4.57 -15.97 20.95
N ILE B 168 4.56 -14.64 21.05
CA ILE B 168 3.51 -13.93 21.77
C ILE B 168 2.80 -13.04 20.75
N VAL B 169 1.51 -13.32 20.54
CA VAL B 169 0.64 -12.49 19.71
C VAL B 169 -0.24 -11.67 20.65
N ASP B 170 -0.15 -10.35 20.52
CA ASP B 170 -0.87 -9.39 21.37
C ASP B 170 -1.89 -8.67 20.48
N TRP B 171 -3.16 -9.06 20.59
CA TRP B 171 -4.20 -8.44 19.78
C TRP B 171 -5.14 -7.53 20.58
N ASP B 172 -4.85 -7.32 21.87
CA ASP B 172 -5.42 -6.20 22.61
C ASP B 172 -5.25 -4.92 21.80
N VAL B 173 -6.23 -4.00 21.88
CA VAL B 173 -6.16 -2.78 21.07
C VAL B 173 -5.01 -1.88 21.49
N HIS B 174 -4.47 -2.05 22.69
CA HIS B 174 -3.36 -1.24 23.17
C HIS B 174 -2.04 -1.97 22.96
N HIS B 175 -0.96 -1.21 22.79
CA HIS B 175 0.37 -1.79 22.63
C HIS B 175 0.87 -2.33 23.97
N GLY B 176 1.34 -3.57 23.98
CA GLY B 176 1.91 -4.13 25.20
C GLY B 176 3.32 -3.62 25.42
N ASN B 177 3.48 -2.40 25.97
CA ASN B 177 4.82 -1.83 26.11
C ASN B 177 5.72 -2.69 27.00
N GLY B 178 5.14 -3.31 28.05
CA GLY B 178 5.96 -4.10 28.96
C GLY B 178 6.49 -5.36 28.32
N THR B 179 5.67 -6.02 27.50
CA THR B 179 6.12 -7.23 26.82
C THR B 179 7.22 -6.91 25.80
N GLN B 180 7.01 -5.88 24.98
CA GLN B 180 8.02 -5.47 24.01
C GLN B 180 9.37 -5.23 24.70
N HIS B 181 9.35 -4.51 25.82
CA HIS B 181 10.57 -4.14 26.50
C HIS B 181 11.28 -5.35 27.10
N ILE B 182 10.51 -6.21 27.78
CA ILE B 182 11.10 -7.36 28.45
C ILE B 182 11.85 -8.27 27.48
N PHE B 183 11.40 -8.37 26.23
CA PHE B 183 12.02 -9.27 25.26
C PHE B 183 12.72 -8.56 24.10
N GLU B 184 12.97 -7.24 24.19
CA GLU B 184 13.46 -6.50 23.03
C GLU B 184 14.84 -6.97 22.56
N GLU B 185 15.66 -7.52 23.45
CA GLU B 185 17.01 -7.99 23.14
C GLU B 185 17.08 -9.51 23.03
N ASP B 186 15.95 -10.18 22.77
CA ASP B 186 15.82 -11.62 22.88
C ASP B 186 15.33 -12.23 21.56
N ASP B 187 16.01 -13.26 21.09
CA ASP B 187 15.57 -13.92 19.86
C ASP B 187 14.78 -15.19 20.11
N SER B 188 14.68 -15.63 21.36
CA SER B 188 13.87 -16.79 21.71
C SER B 188 12.39 -16.46 21.90
N VAL B 189 12.02 -15.19 22.07
CA VAL B 189 10.62 -14.79 22.27
C VAL B 189 10.26 -13.82 21.16
N LEU B 190 9.47 -14.28 20.21
CA LEU B 190 8.99 -13.44 19.11
C LEU B 190 7.73 -12.72 19.57
N TYR B 191 7.77 -11.39 19.59
CA TYR B 191 6.63 -10.58 20.02
C TYR B 191 5.98 -9.92 18.81
N ILE B 192 4.69 -10.18 18.61
CA ILE B 192 3.92 -9.54 17.55
C ILE B 192 2.71 -8.85 18.16
N SER B 193 2.64 -7.53 17.99
CA SER B 193 1.54 -6.74 18.53
C SER B 193 0.81 -6.02 17.39
N LEU B 194 -0.52 -6.02 17.51
CA LEU B 194 -1.47 -5.29 16.63
C LEU B 194 -2.14 -4.26 17.55
N HIS B 195 -2.12 -2.97 17.19
CA HIS B 195 -2.63 -1.97 18.13
C HIS B 195 -3.02 -0.68 17.43
N ARG B 196 -3.99 0.02 18.03
CA ARG B 196 -4.33 1.36 17.61
C ARG B 196 -3.22 2.32 18.08
N TYR B 197 -2.68 3.11 17.15
CA TYR B 197 -1.50 3.93 17.41
C TYR B 197 -1.77 5.43 17.28
N GLU B 198 -2.30 5.88 16.14
CA GLU B 198 -2.64 7.28 15.91
C GLU B 198 -1.40 8.17 16.12
N ASP B 199 -0.32 7.81 15.44
CA ASP B 199 0.94 8.55 15.47
C ASP B 199 1.36 8.92 16.89
N GLY B 200 1.25 7.94 17.79
CA GLY B 200 1.71 8.09 19.15
C GLY B 200 0.73 8.68 20.11
N ALA B 201 -0.48 9.02 19.65
CA ALA B 201 -1.47 9.69 20.49
C ALA B 201 -2.21 8.72 21.41
N PHE B 202 -2.51 7.52 20.94
CA PHE B 202 -3.32 6.57 21.70
C PHE B 202 -2.53 5.99 22.86
N PHE B 203 -3.21 5.69 23.97
CA PHE B 203 -2.57 5.03 25.11
C PHE B 203 -1.87 3.74 24.65
N PRO B 204 -0.65 3.45 25.17
CA PRO B 204 0.15 4.12 26.21
C PRO B 204 0.97 5.34 25.77
N ASN B 205 0.65 5.93 24.62
CA ASN B 205 1.09 7.29 24.27
C ASN B 205 2.57 7.38 23.92
N SER B 206 3.17 6.32 23.42
CA SER B 206 4.61 6.28 23.19
C SER B 206 4.91 5.83 21.76
N GLU B 207 5.93 6.43 21.18
CA GLU B 207 6.33 6.05 19.82
C GLU B 207 7.11 4.74 19.79
N ASP B 208 7.29 4.07 20.94
CA ASP B 208 7.81 2.71 20.93
C ASP B 208 6.91 1.78 20.15
N ALA B 209 5.66 2.16 19.93
CA ALA B 209 4.72 1.21 19.34
C ALA B 209 4.65 1.31 17.83
N ASN B 210 5.51 2.14 17.24
CA ASN B 210 5.53 2.35 15.80
C ASN B 210 6.23 1.19 15.09
N TYR B 211 6.01 1.09 13.78
CA TYR B 211 6.49 -0.06 13.02
C TYR B 211 8.02 -0.12 12.93
N ASP B 212 8.73 0.99 13.13
CA ASP B 212 10.17 0.92 12.91
C ASP B 212 10.94 0.35 14.10
N LYS B 213 10.29 -0.02 15.19
CA LYS B 213 11.00 -0.65 16.29
C LYS B 213 10.99 -2.15 16.05
N VAL B 214 12.13 -2.71 15.66
CA VAL B 214 12.19 -4.10 15.23
C VAL B 214 13.06 -4.99 16.13
N GLY B 215 13.58 -4.47 17.24
CA GLY B 215 14.39 -5.25 18.16
C GLY B 215 15.79 -4.70 18.32
N LEU B 216 16.49 -5.24 19.32
CA LEU B 216 17.85 -4.83 19.70
C LEU B 216 18.82 -5.99 19.73
N GLY B 217 20.08 -5.71 19.36
CA GLY B 217 21.14 -6.71 19.49
C GLY B 217 20.81 -7.97 18.71
N LYS B 218 21.04 -9.13 19.34
CA LYS B 218 20.62 -10.41 18.79
C LYS B 218 19.12 -10.52 18.58
N GLY B 219 18.32 -9.63 19.16
CA GLY B 219 16.90 -9.59 18.95
C GLY B 219 16.42 -8.69 17.83
N ARG B 220 17.31 -8.18 16.98
CA ARG B 220 16.84 -7.40 15.84
C ARG B 220 16.06 -8.31 14.89
N GLY B 221 14.78 -8.00 14.68
CA GLY B 221 13.91 -8.78 13.84
C GLY B 221 12.80 -9.50 14.58
N TYR B 222 12.93 -9.65 15.90
CA TYR B 222 11.99 -10.44 16.69
C TYR B 222 11.04 -9.56 17.48
N ASN B 223 10.75 -8.35 16.99
CA ASN B 223 9.74 -7.48 17.57
C ASN B 223 8.97 -6.85 16.43
N VAL B 224 7.69 -7.23 16.27
CA VAL B 224 6.86 -6.75 15.17
C VAL B 224 5.67 -5.96 15.72
N ASN B 225 5.71 -4.64 15.52
CA ASN B 225 4.62 -3.71 15.80
C ASN B 225 3.81 -3.45 14.52
N ILE B 226 2.49 -3.59 14.61
CA ILE B 226 1.57 -3.29 13.50
C ILE B 226 0.60 -2.19 13.94
N PRO B 227 0.95 -0.92 13.75
CA PRO B 227 0.13 0.17 14.26
C PRO B 227 -0.98 0.60 13.29
N TRP B 228 -2.16 0.87 13.84
CA TRP B 228 -3.30 1.41 13.12
C TRP B 228 -3.44 2.92 13.34
N ASN B 229 -3.79 3.63 12.27
CA ASN B 229 -3.92 5.08 12.27
C ASN B 229 -5.18 5.46 11.51
N GLY B 230 -5.87 6.48 11.99
CA GLY B 230 -6.97 7.09 11.26
C GLY B 230 -8.01 6.18 10.63
N GLY B 231 -8.31 5.06 11.25
CA GLY B 231 -9.39 4.20 10.77
C GLY B 231 -10.04 3.45 11.90
N LYS B 232 -11.34 3.16 11.73
CA LYS B 232 -12.10 2.31 12.65
C LYS B 232 -11.96 0.88 12.15
N MET B 233 -10.87 0.26 12.55
CA MET B 233 -10.49 -1.01 11.96
C MET B 233 -11.44 -2.13 12.40
N GLY B 234 -11.47 -3.20 11.62
CA GLY B 234 -12.38 -4.29 11.88
C GLY B 234 -11.89 -5.59 11.31
N ASP B 235 -12.82 -6.50 11.06
CA ASP B 235 -12.44 -7.83 10.60
C ASP B 235 -11.59 -7.82 9.34
N PRO B 236 -11.94 -7.12 8.26
CA PRO B 236 -11.08 -7.21 7.07
C PRO B 236 -9.66 -6.79 7.36
N GLU B 237 -9.48 -5.78 8.21
CA GLU B 237 -8.14 -5.27 8.46
C GLU B 237 -7.31 -6.22 9.33
N TYR B 238 -7.95 -6.97 10.24
CA TYR B 238 -7.19 -7.93 11.03
C TYR B 238 -6.90 -9.21 10.23
N MET B 239 -7.79 -9.60 9.32
CA MET B 239 -7.48 -10.75 8.48
C MET B 239 -6.36 -10.43 7.50
N ALA B 240 -6.34 -9.19 6.97
CA ALA B 240 -5.25 -8.79 6.07
C ALA B 240 -3.90 -8.74 6.78
N ALA B 241 -3.89 -8.39 8.07
CA ALA B 241 -2.63 -8.35 8.83
C ALA B 241 -2.13 -9.74 9.11
N PHE B 242 -3.04 -10.66 9.43
CA PHE B 242 -2.63 -12.05 9.64
C PHE B 242 -2.11 -12.64 8.35
N HIS B 243 -2.77 -12.32 7.25
CA HIS B 243 -2.40 -12.95 5.98
C HIS B 243 -1.04 -12.45 5.50
N HIS B 244 -0.85 -11.13 5.46
CA HIS B 244 0.40 -10.60 4.91
C HIS B 244 1.56 -10.64 5.91
N LEU B 245 1.29 -10.56 7.21
CA LEU B 245 2.37 -10.39 8.17
C LEU B 245 2.42 -11.49 9.21
N VAL B 246 1.38 -11.64 10.03
CA VAL B 246 1.46 -12.48 11.23
C VAL B 246 1.78 -13.94 10.88
N MET B 247 1.05 -14.51 9.94
CA MET B 247 1.22 -15.95 9.77
C MET B 247 2.55 -16.30 9.06
N PRO B 248 2.95 -15.58 8.01
CA PRO B 248 4.26 -15.89 7.41
C PRO B 248 5.42 -15.67 8.35
N ILE B 249 5.36 -14.63 9.18
CA ILE B 249 6.45 -14.46 10.15
C ILE B 249 6.41 -15.55 11.20
N ALA B 250 5.21 -15.90 11.68
CA ALA B 250 5.11 -16.95 12.69
C ALA B 250 5.52 -18.32 12.13
N ARG B 251 5.06 -18.66 10.92
CA ARG B 251 5.47 -19.96 10.37
C ARG B 251 6.98 -20.00 10.18
N GLU B 252 7.59 -18.87 9.82
CA GLU B 252 9.03 -18.86 9.60
C GLU B 252 9.79 -19.01 10.91
N PHE B 253 9.35 -18.29 11.95
CA PHE B 253 9.92 -18.45 13.29
C PHE B 253 9.81 -19.88 13.79
N ALA B 254 8.71 -20.55 13.45
CA ALA B 254 8.39 -21.91 13.89
C ALA B 254 8.42 -21.99 15.41
N PRO B 255 7.44 -21.43 16.10
CA PRO B 255 7.43 -21.49 17.57
C PRO B 255 7.19 -22.91 18.10
N GLU B 256 7.58 -23.09 19.36
CA GLU B 256 7.29 -24.33 20.07
C GLU B 256 6.11 -24.16 21.01
N LEU B 257 5.70 -22.92 21.30
CA LEU B 257 4.51 -22.62 22.07
C LEU B 257 4.02 -21.23 21.70
N VAL B 258 2.70 -21.06 21.63
CA VAL B 258 2.10 -19.79 21.28
C VAL B 258 1.27 -19.28 22.47
N LEU B 259 1.61 -18.08 22.96
CA LEU B 259 0.76 -17.36 23.91
C LEU B 259 0.02 -16.26 23.18
N VAL B 260 -1.27 -16.10 23.47
CA VAL B 260 -2.04 -14.97 22.98
C VAL B 260 -2.36 -14.05 24.14
N SER B 261 -1.80 -12.84 24.14
CA SER B 261 -2.29 -11.77 25.01
C SER B 261 -3.61 -11.30 24.42
N ALA B 262 -4.72 -11.91 24.85
CA ALA B 262 -6.00 -11.74 24.16
C ALA B 262 -6.85 -10.73 24.92
N GLY B 263 -6.64 -9.46 24.62
CA GLY B 263 -7.56 -8.43 25.07
C GLY B 263 -8.63 -8.20 24.03
N PHE B 264 -9.84 -7.87 24.48
CA PHE B 264 -10.97 -7.78 23.55
C PHE B 264 -11.54 -6.37 23.50
N ASP B 265 -10.69 -5.37 23.67
CA ASP B 265 -11.10 -3.98 23.56
C ASP B 265 -11.02 -3.43 22.15
N ALA B 266 -10.62 -4.24 21.17
CA ALA B 266 -10.81 -3.90 19.76
C ALA B 266 -12.15 -4.38 19.22
N ALA B 267 -12.98 -4.99 20.06
CA ALA B 267 -14.27 -5.53 19.68
C ALA B 267 -15.30 -4.42 19.45
N ARG B 268 -16.32 -4.77 18.68
CA ARG B 268 -17.47 -3.89 18.49
C ARG B 268 -18.18 -3.63 19.82
N GLY B 269 -18.45 -2.36 20.11
CA GLY B 269 -19.11 -1.96 21.34
C GLY B 269 -18.19 -1.59 22.49
N ASP B 270 -16.88 -1.81 22.40
CA ASP B 270 -16.03 -1.50 23.54
C ASP B 270 -15.97 0.02 23.77
N PRO B 271 -16.10 0.48 25.02
CA PRO B 271 -16.13 1.92 25.29
C PRO B 271 -14.76 2.59 25.32
N LEU B 272 -13.67 1.86 25.04
CA LEU B 272 -12.37 2.50 24.91
C LEU B 272 -11.72 2.32 23.55
N GLY B 273 -11.90 1.20 22.87
CA GLY B 273 -11.12 0.93 21.68
C GLY B 273 -11.58 1.66 20.44
N GLY B 274 -12.88 1.92 20.32
CA GLY B 274 -13.39 2.47 19.07
C GLY B 274 -13.16 1.62 17.83
N PHE B 275 -12.93 0.31 17.99
CA PHE B 275 -12.81 -0.59 16.85
C PHE B 275 -14.07 -1.44 16.75
N GLN B 276 -14.14 -2.28 15.72
CA GLN B 276 -15.35 -3.07 15.47
C GLN B 276 -15.02 -4.50 15.03
N VAL B 277 -14.04 -5.14 15.69
CA VAL B 277 -13.79 -6.55 15.46
C VAL B 277 -14.93 -7.36 16.08
N THR B 278 -15.46 -8.36 15.31
CA THR B 278 -16.59 -9.20 15.71
C THR B 278 -16.12 -10.46 16.44
N PRO B 279 -17.03 -11.17 17.13
CA PRO B 279 -16.65 -12.48 17.70
C PRO B 279 -16.22 -13.47 16.65
N GLU B 280 -16.91 -13.48 15.50
CA GLU B 280 -16.47 -14.30 14.39
C GLU B 280 -15.08 -13.91 13.94
N GLY B 281 -14.75 -12.62 14.07
CA GLY B 281 -13.41 -12.17 13.79
C GLY B 281 -12.42 -12.95 14.63
N TYR B 282 -12.58 -12.85 15.95
CA TYR B 282 -11.62 -13.42 16.88
C TYR B 282 -11.53 -14.93 16.77
N ALA B 283 -12.63 -15.60 16.41
CA ALA B 283 -12.58 -17.04 16.20
C ALA B 283 -11.64 -17.39 15.07
N HIS B 284 -11.72 -16.62 13.97
CA HIS B 284 -10.86 -16.86 12.82
C HIS B 284 -9.40 -16.58 13.16
N LEU B 285 -9.12 -15.52 13.90
CA LEU B 285 -7.75 -15.28 14.33
C LEU B 285 -7.25 -16.46 15.16
N THR B 286 -8.08 -16.92 16.10
CA THR B 286 -7.79 -18.12 16.89
C THR B 286 -7.49 -19.31 16.00
N HIS B 287 -8.35 -19.54 15.00
CA HIS B 287 -8.29 -20.77 14.21
C HIS B 287 -7.03 -20.84 13.37
N GLN B 288 -6.54 -19.67 12.91
CA GLN B 288 -5.27 -19.59 12.19
C GLN B 288 -4.08 -19.89 13.10
N LEU B 289 -4.07 -19.33 14.30
CA LEU B 289 -2.99 -19.59 15.22
C LEU B 289 -2.95 -21.05 15.65
N MET B 290 -4.07 -21.76 15.51
CA MET B 290 -4.06 -23.19 15.82
C MET B 290 -3.22 -24.01 14.85
N SER B 291 -2.78 -23.43 13.74
CA SER B 291 -1.94 -24.13 12.79
C SER B 291 -0.46 -24.05 13.14
N LEU B 292 -0.11 -23.43 14.26
CA LEU B 292 1.28 -23.21 14.63
C LEU B 292 1.63 -24.07 15.84
N ALA B 293 2.92 -24.34 16.00
CA ALA B 293 3.46 -25.01 17.18
C ALA B 293 2.80 -26.35 17.44
N ALA B 294 2.34 -27.03 16.37
CA ALA B 294 1.62 -28.28 16.53
C ALA B 294 0.39 -28.11 17.41
N GLY B 295 -0.26 -26.94 17.32
CA GLY B 295 -1.50 -26.67 18.02
C GLY B 295 -1.38 -26.18 19.45
N ARG B 296 -0.18 -26.09 20.02
CA ARG B 296 0.00 -25.72 21.43
C ARG B 296 -0.26 -24.22 21.66
N VAL B 297 -1.51 -23.83 21.88
CA VAL B 297 -1.87 -22.41 21.98
C VAL B 297 -2.47 -22.14 23.37
N LEU B 298 -2.05 -21.03 24.00
CA LEU B 298 -2.61 -20.57 25.26
C LEU B 298 -3.17 -19.16 25.13
N ILE B 299 -4.47 -19.00 25.41
CA ILE B 299 -5.23 -17.77 25.20
C ILE B 299 -5.34 -17.06 26.55
N ILE B 300 -4.71 -15.90 26.70
CA ILE B 300 -4.70 -15.20 27.99
C ILE B 300 -5.54 -13.93 27.90
N LEU B 301 -6.51 -13.80 28.82
CA LEU B 301 -7.35 -12.61 28.81
C LEU B 301 -6.55 -11.39 29.26
N GLU B 302 -6.69 -10.29 28.50
CA GLU B 302 -5.98 -9.04 28.81
C GLU B 302 -7.05 -7.98 29.07
N GLY B 303 -7.03 -6.86 28.34
CA GLY B 303 -8.07 -5.86 28.45
C GLY B 303 -9.34 -6.29 27.75
N GLY B 304 -10.29 -5.35 27.68
CA GLY B 304 -11.62 -5.64 27.13
C GLY B 304 -12.72 -5.33 28.14
N TYR B 305 -13.64 -4.39 27.78
CA TYR B 305 -14.42 -3.65 28.76
C TYR B 305 -15.91 -3.47 28.46
N ASN B 306 -16.40 -3.95 27.32
CA ASN B 306 -17.84 -4.11 27.15
C ASN B 306 -18.18 -5.54 27.53
N LEU B 307 -18.96 -5.71 28.61
CA LEU B 307 -19.13 -7.02 29.24
C LEU B 307 -19.82 -8.02 28.30
N THR B 308 -20.80 -7.58 27.52
CA THR B 308 -21.40 -8.50 26.57
C THR B 308 -20.42 -8.85 25.46
N SER B 309 -19.63 -7.88 25.01
CA SER B 309 -18.72 -8.14 23.90
C SER B 309 -17.62 -9.12 24.28
N ILE B 310 -17.05 -8.99 25.48
CA ILE B 310 -15.91 -9.84 25.81
C ILE B 310 -16.35 -11.27 26.06
N SER B 311 -17.54 -11.45 26.65
CA SER B 311 -18.05 -12.80 26.88
C SER B 311 -18.25 -13.52 25.56
N GLU B 312 -18.82 -12.82 24.58
CA GLU B 312 -19.06 -13.47 23.30
C GLU B 312 -17.76 -13.71 22.55
N SER B 313 -16.76 -12.83 22.74
CA SER B 313 -15.54 -12.92 21.96
C SER B 313 -14.65 -14.06 22.45
N MET B 314 -14.38 -14.10 23.74
CA MET B 314 -13.56 -15.18 24.28
C MET B 314 -14.23 -16.54 24.05
N SER B 315 -15.56 -16.64 24.29
CA SER B 315 -16.27 -17.91 24.14
C SER B 315 -16.09 -18.46 22.73
N MET B 316 -16.25 -17.61 21.71
CA MET B 316 -15.98 -18.02 20.33
C MET B 316 -14.54 -18.55 20.17
N CYS B 317 -13.56 -17.89 20.79
CA CYS B 317 -12.19 -18.36 20.70
C CYS B 317 -12.06 -19.77 21.28
N THR B 318 -12.72 -20.02 22.44
CA THR B 318 -12.69 -21.34 23.08
C THR B 318 -13.36 -22.38 22.20
N SER B 319 -14.42 -22.01 21.50
CA SER B 319 -15.09 -22.95 20.62
C SER B 319 -14.19 -23.37 19.48
N MET B 320 -13.30 -22.49 19.02
CA MET B 320 -12.31 -22.90 18.02
C MET B 320 -11.25 -23.83 18.62
N LEU B 321 -10.79 -23.54 19.84
CA LEU B 321 -9.82 -24.43 20.46
C LEU B 321 -10.39 -25.82 20.67
N LEU B 322 -11.71 -25.93 20.86
CA LEU B 322 -12.34 -27.24 21.02
C LEU B 322 -12.48 -27.97 19.70
N GLY B 323 -12.30 -27.30 18.57
CA GLY B 323 -12.35 -27.94 17.28
C GLY B 323 -13.58 -27.65 16.47
N ASP B 324 -14.44 -26.72 16.90
CA ASP B 324 -15.65 -26.45 16.17
C ASP B 324 -15.34 -25.78 14.83
N SER B 325 -16.34 -25.77 13.95
CA SER B 325 -16.14 -25.22 12.62
C SER B 325 -16.14 -23.70 12.69
N PRO B 326 -15.17 -23.03 12.07
CA PRO B 326 -15.16 -21.57 12.03
C PRO B 326 -16.47 -21.02 11.49
N PRO B 327 -16.91 -19.86 11.97
CA PRO B 327 -18.14 -19.25 11.46
C PRO B 327 -17.87 -18.48 10.17
N SER B 328 -18.95 -18.15 9.48
CA SER B 328 -18.84 -17.42 8.21
C SER B 328 -18.47 -15.96 8.46
N LEU B 329 -17.76 -15.39 7.50
CA LEU B 329 -17.29 -14.02 7.59
C LEU B 329 -17.91 -13.17 6.48
N ASP B 330 -17.72 -11.85 6.60
CA ASP B 330 -18.11 -10.90 5.56
C ASP B 330 -17.07 -10.92 4.44
N HIS B 331 -17.54 -11.09 3.21
CA HIS B 331 -16.66 -11.11 2.05
C HIS B 331 -16.79 -9.86 1.17
N LEU B 332 -17.70 -8.93 1.51
CA LEU B 332 -18.11 -7.83 0.64
C LEU B 332 -17.65 -6.45 1.11
N THR B 333 -16.57 -6.35 1.87
CA THR B 333 -16.10 -5.04 2.30
C THR B 333 -14.59 -5.08 2.26
N PRO B 334 -13.94 -4.11 1.60
CA PRO B 334 -12.48 -4.17 1.42
C PRO B 334 -11.74 -3.48 2.55
N LEU B 335 -10.43 -3.32 2.37
CA LEU B 335 -9.60 -2.72 3.40
C LEU B 335 -9.74 -1.22 3.42
N LYS B 336 -9.88 -0.66 4.63
CA LYS B 336 -9.54 0.73 4.82
C LYS B 336 -8.16 0.99 4.23
N THR B 337 -8.07 1.99 3.35
CA THR B 337 -6.81 2.21 2.65
C THR B 337 -5.66 2.48 3.62
N SER B 338 -5.93 3.16 4.74
CA SER B 338 -4.82 3.44 5.65
C SER B 338 -4.30 2.18 6.30
N ALA B 339 -5.14 1.14 6.42
CA ALA B 339 -4.67 -0.16 6.90
C ALA B 339 -3.74 -0.82 5.90
N THR B 340 -3.97 -0.64 4.61
CA THR B 340 -3.00 -1.10 3.62
C THR B 340 -1.69 -0.34 3.76
N VAL B 341 -1.76 0.97 4.05
CA VAL B 341 -0.54 1.74 4.25
C VAL B 341 0.24 1.21 5.45
N SER B 342 -0.47 0.79 6.50
CA SER B 342 0.24 0.29 7.68
C SER B 342 0.93 -1.04 7.38
N ILE B 343 0.19 -2.02 6.83
CA ILE B 343 0.78 -3.32 6.51
C ILE B 343 2.03 -3.15 5.66
N ASN B 344 1.93 -2.36 4.59
CA ASN B 344 3.08 -2.15 3.74
C ASN B 344 4.25 -1.58 4.53
N ASN B 345 3.96 -0.65 5.45
CA ASN B 345 5.01 -0.09 6.29
C ASN B 345 5.69 -1.16 7.12
N VAL B 346 4.93 -2.13 7.63
CA VAL B 346 5.54 -3.22 8.38
C VAL B 346 6.33 -4.12 7.46
N LEU B 347 5.87 -4.29 6.22
CA LEU B 347 6.59 -5.15 5.27
C LEU B 347 7.98 -4.61 4.96
N ARG B 348 8.12 -3.28 4.80
CA ARG B 348 9.43 -2.73 4.51
C ARG B 348 10.35 -2.71 5.72
N ALA B 349 9.80 -2.72 6.93
CA ALA B 349 10.64 -2.81 8.12
C ALA B 349 11.19 -4.21 8.37
N HIS B 350 10.45 -5.25 8.00
CA HIS B 350 10.79 -6.60 8.43
C HIS B 350 11.17 -7.55 7.29
N ALA B 351 10.83 -7.23 6.04
CA ALA B 351 11.33 -8.03 4.93
C ALA B 351 12.84 -8.25 4.96
N PRO B 352 13.69 -7.29 5.36
CA PRO B 352 15.12 -7.62 5.46
C PRO B 352 15.44 -8.69 6.49
N PHE B 353 14.53 -8.96 7.44
CA PHE B 353 14.79 -10.01 8.42
C PHE B 353 14.08 -11.32 8.12
N TRP B 354 12.93 -11.29 7.46
CA TRP B 354 12.07 -12.46 7.32
C TRP B 354 11.96 -12.81 5.86
N SER B 355 12.66 -13.86 5.43
CA SER B 355 12.71 -14.18 4.01
C SER B 355 11.32 -14.49 3.44
N SER B 356 10.35 -14.90 4.27
CA SER B 356 9.00 -15.15 3.79
C SER B 356 8.23 -13.88 3.47
N LEU B 357 8.80 -12.71 3.71
CA LEU B 357 8.20 -11.44 3.32
C LEU B 357 8.92 -10.95 2.07
ZN ZN C . -1.14 18.64 -25.30
K K D . 3.43 16.29 -30.23
K K E . 16.84 11.31 -30.47
C10 P7D F . -0.12 29.63 -23.21
C15 P7D F . -0.54 24.83 -20.18
C17 P7D F . -1.23 23.23 -21.71
C20 P7D F . -0.95 19.51 -22.82
C24 P7D F . -2.00 24.41 -21.89
C01 P7D F . 0.16 32.73 -24.36
C03 P7D F . 0.71 33.51 -22.08
C04 P7D F . 1.76 31.39 -22.91
C05 P7D F . 0.75 30.35 -22.39
C06 P7D F . 0.67 30.02 -21.02
C07 P7D F . -0.25 29.06 -20.52
C08 P7D F . -1.14 28.33 -21.33
C09 P7D F . -1.02 28.68 -22.69
C16 P7D F . -0.30 23.54 -20.63
C18 P7D F . -1.25 21.93 -22.45
C19 P7D F . -0.93 20.70 -21.97
N02 P7D F . 1.21 32.76 -23.26
N14 P7D F . -1.61 25.48 -20.95
N22 P7D F . 0.16 18.81 -23.32
O12 P7D F . -3.48 27.23 -21.38
O13 P7D F . -2.38 27.32 -19.29
O21 P7D F . -2.01 18.98 -23.24
O23 P7D F . -0.09 17.71 -24.09
S11 P7D F . -2.26 27.15 -20.68
C1 EDO G . 0.01 -1.01 -42.96
O1 EDO G . -0.96 -1.22 -41.92
C2 EDO G . 0.32 0.46 -43.18
O2 EDO G . 1.73 0.61 -43.32
C1 EDO H . -9.81 -0.26 -11.56
O1 EDO H . -11.17 -0.35 -11.99
C2 EDO H . -9.60 0.92 -10.65
O2 EDO H . -8.56 0.60 -9.74
C1 EDO I . 18.35 10.78 -49.93
O1 EDO I . 18.30 10.49 -48.53
C2 EDO I . 19.49 10.02 -50.60
O2 EDO I . 18.96 8.88 -51.31
I IOD J . -2.73 26.06 -25.38
I IOD K . -1.94 25.70 -13.92
I IOD L . -17.57 8.29 -15.76
I IOD M . -2.25 27.02 4.51
ZN ZN N . -6.14 -2.81 26.17
K K O . -1.69 -5.15 21.18
K K P . 11.69 -10.17 20.93
C10 P7D Q . -5.62 8.36 28.18
C15 P7D Q . -5.48 3.69 31.23
C17 P7D Q . -6.08 1.97 29.80
C20 P7D Q . -6.09 -1.63 28.59
C24 P7D Q . -7.00 3.02 29.64
C01 P7D Q . -2.98 12.39 28.53
C03 P7D Q . -2.22 10.85 30.29
C04 P7D Q . -3.58 9.96 28.34
C05 P7D Q . -4.56 8.91 28.91
C06 P7D Q . -4.45 8.43 30.23
C07 P7D Q . -5.33 7.49 30.79
C08 P7D Q . -6.40 6.91 30.09
C09 P7D Q . -6.48 7.40 28.76
C16 P7D Q . -5.12 2.42 30.80
C18 P7D Q . -5.98 0.68 29.11
C19 P7D Q . -6.36 -0.55 29.48
N02 P7D Q . -3.33 11.14 29.28
N14 P7D Q . -6.68 4.15 30.54
N22 P7D Q . -4.83 -2.17 28.22
O12 P7D Q . -8.69 5.71 30.06
O13 P7D Q . -7.60 5.93 32.18
O21 P7D Q . -7.00 -2.25 27.99
O23 P7D Q . -4.80 -3.23 27.33
S11 P7D Q . -7.48 5.73 30.79
C1 EDO R . 13.63 -1.44 18.27
O1 EDO R . 14.03 -1.85 19.56
C2 EDO R . 14.83 -0.89 17.51
O2 EDO R . 14.46 -0.83 16.14
C1 EDO S . -17.77 -0.02 17.42
O1 EDO S . -17.30 0.15 18.77
C2 EDO S . -19.29 0.10 17.34
O2 EDO S . -19.72 0.12 15.97
C1 EDO T . -15.38 -21.19 40.17
O1 EDO T . -15.84 -22.38 39.51
C2 EDO T . -14.21 -21.51 41.09
O2 EDO T . -13.73 -20.28 41.63
I IOD U . -7.87 4.64 26.08
I IOD V . -7.00 4.57 37.54
I IOD W . 5.00 -23.92 13.19
#